data_3F8L
#
_entry.id   3F8L
#
_cell.length_a   114.558
_cell.length_b   78.172
_cell.length_c   120.514
_cell.angle_alpha   90.00
_cell.angle_beta   125.42
_cell.angle_gamma   90.00
#
_symmetry.space_group_name_H-M   'C 1 2 1'
#
loop_
_entity.id
_entity.type
_entity.pdbx_description
1 polymer 'HTH-type transcriptional repressor phnF'
2 non-polymer 'SULFATE ION'
3 non-polymer GLYCEROL
4 water water
#
_entity_poly.entity_id   1
_entity_poly.type   'polypeptide(L)'
_entity_poly.pdbx_seq_one_letter_code
;MSYYHHHHHHLESTSLYKKAGFENLYFQGSGAIRQPLGMGSYTEAAKAQGLSAGRILVAWSDLTADEVLAGVLGVDVGAP
VLQLERVLTTDGVRVGLETTKLPAQRYPGLRETFDHEASLYAEIRSRGIAFTRTVDTIDTALPDAREAALLGADARTPMF
LLNRVSYDQDDVAIEQRRSLYRGDRMTFTAVMHAKNSAIVS
;
_entity_poly.pdbx_strand_id   A,B,C,D
#
# COMPACT_ATOMS: atom_id res chain seq x y z
N ILE A 33 6.14 -6.68 -11.84
CA ILE A 33 4.82 -6.68 -11.15
C ILE A 33 4.90 -7.42 -9.81
N ARG A 34 4.51 -6.77 -8.73
CA ARG A 34 4.43 -7.42 -7.41
C ARG A 34 2.97 -7.72 -7.05
N GLN A 35 2.65 -8.99 -6.88
CA GLN A 35 1.26 -9.43 -6.70
C GLN A 35 1.06 -10.18 -5.39
N PRO A 36 0.25 -9.63 -4.47
CA PRO A 36 -0.08 -10.42 -3.30
C PRO A 36 -0.80 -11.73 -3.64
N LEU A 37 -0.46 -12.82 -2.94
CA LEU A 37 -1.18 -14.07 -3.11
C LEU A 37 -2.59 -13.82 -2.61
N GLY A 38 -3.57 -14.41 -3.27
CA GLY A 38 -4.95 -14.19 -2.92
C GLY A 38 -5.92 -15.02 -3.74
N MET A 39 -7.18 -14.96 -3.35
CA MET A 39 -8.21 -15.81 -3.91
C MET A 39 -8.72 -15.18 -5.22
N GLY A 40 -8.79 -13.85 -5.25
CA GLY A 40 -9.24 -13.15 -6.44
C GLY A 40 -8.32 -13.42 -7.62
N SER A 41 -8.83 -13.21 -8.84
CA SER A 41 -8.04 -13.31 -10.05
C SER A 41 -6.86 -12.31 -10.00
N TYR A 42 -5.67 -12.75 -10.44
CA TYR A 42 -4.51 -11.86 -10.44
C TYR A 42 -4.60 -10.84 -11.55
N THR A 43 -5.22 -11.20 -12.67
CA THR A 43 -5.47 -10.24 -13.76
C THR A 43 -6.36 -9.09 -13.26
N GLU A 44 -7.44 -9.45 -12.58
CA GLU A 44 -8.37 -8.45 -12.02
C GLU A 44 -7.68 -7.63 -10.92
N ALA A 45 -6.85 -8.29 -10.12
CA ALA A 45 -6.09 -7.59 -9.06
C ALA A 45 -5.22 -6.50 -9.65
N ALA A 46 -4.59 -6.78 -10.77
CA ALA A 46 -3.76 -5.79 -11.46
C ALA A 46 -4.60 -4.59 -11.91
N LYS A 47 -5.76 -4.85 -12.52
CA LYS A 47 -6.67 -3.76 -12.87
C LYS A 47 -7.22 -3.01 -11.67
N ALA A 48 -7.40 -3.68 -10.54
CA ALA A 48 -7.89 -3.00 -9.33
C ALA A 48 -6.80 -2.03 -8.83
N GLN A 49 -5.54 -2.36 -9.11
CA GLN A 49 -4.41 -1.55 -8.66
C GLN A 49 -4.01 -0.53 -9.71
N GLY A 50 -4.82 -0.35 -10.75
CA GLY A 50 -4.58 0.68 -11.77
C GLY A 50 -3.68 0.32 -12.94
N LEU A 51 -3.28 -0.94 -13.06
CA LEU A 51 -2.47 -1.37 -14.20
C LEU A 51 -3.37 -1.82 -15.34
N SER A 52 -2.91 -1.73 -16.58
CA SER A 52 -3.65 -2.39 -17.64
C SER A 52 -3.50 -3.91 -17.38
N ALA A 53 -4.53 -4.69 -17.71
CA ALA A 53 -4.38 -6.16 -17.73
C ALA A 53 -5.41 -6.70 -18.67
N GLY A 54 -5.21 -7.92 -19.17
CA GLY A 54 -6.14 -8.51 -20.10
C GLY A 54 -5.78 -9.94 -20.41
N ARG A 55 -6.54 -10.54 -21.31
CA ARG A 55 -6.37 -11.94 -21.65
C ARG A 55 -6.44 -12.04 -23.15
N ILE A 56 -5.64 -12.94 -23.71
CA ILE A 56 -5.70 -13.29 -25.14
C ILE A 56 -6.09 -14.75 -25.26
N LEU A 57 -7.11 -15.07 -26.07
CA LEU A 57 -7.44 -16.47 -26.27
C LEU A 57 -6.32 -17.26 -26.95
N VAL A 58 -6.06 -18.46 -26.44
CA VAL A 58 -5.25 -19.40 -27.19
C VAL A 58 -6.20 -20.37 -27.84
N ALA A 59 -6.95 -21.11 -27.01
CA ALA A 59 -7.96 -22.09 -27.49
C ALA A 59 -8.95 -22.50 -26.41
N TRP A 60 -10.17 -22.79 -26.84
CA TRP A 60 -11.12 -23.56 -26.07
C TRP A 60 -10.98 -25.02 -26.54
N SER A 61 -11.17 -25.99 -25.64
CA SER A 61 -11.05 -27.42 -25.93
C SER A 61 -12.15 -28.18 -25.21
N ASP A 62 -12.76 -29.15 -25.89
CA ASP A 62 -13.68 -30.08 -25.22
C ASP A 62 -12.92 -31.33 -24.81
N LEU A 63 -12.94 -31.64 -23.52
CA LEU A 63 -12.22 -32.77 -23.00
C LEU A 63 -13.28 -33.64 -22.36
N THR A 64 -12.95 -34.86 -22.00
CA THR A 64 -13.82 -35.56 -21.05
C THR A 64 -12.94 -35.90 -19.87
N ALA A 65 -13.56 -36.07 -18.72
CA ALA A 65 -12.77 -36.21 -17.50
C ALA A 65 -12.34 -37.66 -17.35
N ASP A 66 -11.04 -37.86 -17.18
CA ASP A 66 -10.48 -39.15 -16.83
C ASP A 66 -10.53 -39.29 -15.31
N GLU A 67 -9.93 -40.36 -14.81
CA GLU A 67 -9.99 -40.71 -13.40
C GLU A 67 -9.45 -39.62 -12.48
N VAL A 68 -8.31 -39.02 -12.84
CA VAL A 68 -7.71 -38.04 -11.95
C VAL A 68 -8.53 -36.76 -11.92
N LEU A 69 -8.96 -36.29 -13.09
CA LEU A 69 -9.66 -35.02 -13.15
C LEU A 69 -11.10 -35.18 -12.67
N ALA A 70 -11.69 -36.35 -12.93
CA ALA A 70 -13.03 -36.63 -12.43
C ALA A 70 -12.92 -36.51 -10.93
N GLY A 71 -11.82 -37.02 -10.38
CA GLY A 71 -11.65 -36.96 -8.93
C GLY A 71 -11.53 -35.52 -8.48
N VAL A 72 -10.76 -34.73 -9.20
CA VAL A 72 -10.53 -33.38 -8.71
C VAL A 72 -11.82 -32.54 -8.71
N LEU A 73 -12.60 -32.63 -9.80
CA LEU A 73 -13.82 -31.83 -9.96
C LEU A 73 -15.06 -32.41 -9.27
N GLY A 74 -14.97 -33.62 -8.74
CA GLY A 74 -16.19 -34.26 -8.23
C GLY A 74 -17.25 -34.57 -9.30
N VAL A 75 -16.83 -35.11 -10.43
CA VAL A 75 -17.75 -35.47 -11.50
C VAL A 75 -17.47 -36.90 -11.95
N ASP A 76 -18.30 -37.42 -12.84
CA ASP A 76 -18.18 -38.81 -13.31
C ASP A 76 -17.09 -38.91 -14.35
N VAL A 77 -16.46 -40.09 -14.42
CA VAL A 77 -15.45 -40.35 -15.44
C VAL A 77 -16.16 -40.25 -16.77
N GLY A 78 -15.56 -39.53 -17.71
CA GLY A 78 -16.19 -39.24 -19.00
C GLY A 78 -17.04 -37.97 -19.06
N ALA A 79 -17.32 -37.36 -17.90
CA ALA A 79 -18.13 -36.12 -17.84
C ALA A 79 -17.46 -35.04 -18.68
N PRO A 80 -18.23 -34.18 -19.36
CA PRO A 80 -17.58 -33.23 -20.25
C PRO A 80 -16.83 -32.11 -19.47
N VAL A 81 -15.66 -31.75 -19.99
CA VAL A 81 -14.80 -30.75 -19.38
C VAL A 81 -14.49 -29.73 -20.45
N LEU A 82 -14.63 -28.46 -20.12
CA LEU A 82 -14.40 -27.43 -21.08
C LEU A 82 -13.09 -26.81 -20.65
N GLN A 83 -12.12 -26.73 -21.55
CA GLN A 83 -10.82 -26.15 -21.21
C GLN A 83 -10.65 -24.78 -21.91
N LEU A 84 -10.25 -23.78 -21.12
CA LEU A 84 -10.01 -22.47 -21.66
C LEU A 84 -8.52 -22.15 -21.45
N GLU A 85 -7.78 -21.90 -22.53
CA GLU A 85 -6.38 -21.52 -22.36
C GLU A 85 -6.21 -20.14 -22.92
N ARG A 86 -5.64 -19.28 -22.10
CA ARG A 86 -5.46 -17.87 -22.42
C ARG A 86 -4.08 -17.35 -22.04
N VAL A 87 -3.55 -16.41 -22.80
CA VAL A 87 -2.36 -15.71 -22.38
C VAL A 87 -2.80 -14.50 -21.60
N LEU A 88 -2.14 -14.28 -20.47
CA LEU A 88 -2.52 -13.16 -19.60
C LEU A 88 -1.50 -12.07 -19.79
N THR A 89 -1.95 -10.82 -19.85
CA THR A 89 -1.06 -9.69 -20.02
C THR A 89 -1.23 -8.73 -18.83
N THR A 90 -0.17 -8.02 -18.47
CA THR A 90 -0.30 -6.95 -17.49
C THR A 90 0.69 -5.87 -17.85
N ASP A 91 0.26 -4.61 -17.72
CA ASP A 91 1.09 -3.45 -18.06
C ASP A 91 1.57 -3.56 -19.50
N GLY A 92 0.72 -4.11 -20.36
CA GLY A 92 1.02 -4.22 -21.79
C GLY A 92 1.88 -5.39 -22.24
N VAL A 93 2.35 -6.23 -21.31
CA VAL A 93 3.25 -7.30 -21.72
C VAL A 93 2.69 -8.69 -21.32
N ARG A 94 3.12 -9.75 -21.99
CA ARG A 94 2.68 -11.10 -21.64
CA ARG A 94 2.72 -11.12 -21.65
C ARG A 94 3.30 -11.53 -20.30
N VAL A 95 2.45 -11.99 -19.36
CA VAL A 95 3.00 -12.42 -18.08
C VAL A 95 2.77 -13.87 -17.72
N GLY A 96 1.74 -14.48 -18.30
CA GLY A 96 1.48 -15.86 -17.92
C GLY A 96 0.61 -16.56 -18.94
N LEU A 97 0.57 -17.88 -18.80
CA LEU A 97 -0.25 -18.77 -19.58
C LEU A 97 -1.17 -19.57 -18.65
N GLU A 98 -2.48 -19.38 -18.85
CA GLU A 98 -3.43 -19.97 -17.94
C GLU A 98 -4.24 -21.02 -18.65
N THR A 99 -4.32 -22.20 -18.05
CA THR A 99 -5.11 -23.28 -18.60
C THR A 99 -6.13 -23.70 -17.55
N THR A 100 -7.39 -23.42 -17.83
CA THR A 100 -8.47 -23.60 -16.87
C THR A 100 -9.40 -24.69 -17.36
N LYS A 101 -9.55 -25.71 -16.52
CA LYS A 101 -10.42 -26.87 -16.82
C LYS A 101 -11.71 -26.74 -16.03
N LEU A 102 -12.83 -26.71 -16.71
CA LEU A 102 -14.14 -26.52 -16.04
C LEU A 102 -15.06 -27.71 -16.26
N PRO A 103 -15.85 -28.11 -15.24
CA PRO A 103 -16.89 -29.12 -15.43
C PRO A 103 -17.96 -28.47 -16.28
N ALA A 104 -18.04 -28.85 -17.56
CA ALA A 104 -18.86 -28.15 -18.56
C ALA A 104 -20.33 -28.10 -18.20
N GLN A 105 -20.81 -29.13 -17.53
CA GLN A 105 -22.24 -29.19 -17.13
C GLN A 105 -22.68 -28.08 -16.19
N ARG A 106 -21.75 -27.60 -15.37
CA ARG A 106 -22.02 -26.46 -14.49
C ARG A 106 -22.24 -25.14 -15.20
N TYR A 107 -21.80 -24.99 -16.45
CA TYR A 107 -21.76 -23.69 -17.15
C TYR A 107 -22.39 -23.74 -18.54
N PRO A 108 -23.71 -23.97 -18.62
CA PRO A 108 -24.38 -23.99 -19.95
C PRO A 108 -24.04 -22.79 -20.79
N GLY A 109 -23.67 -23.00 -22.06
CA GLY A 109 -23.53 -21.91 -22.99
C GLY A 109 -22.23 -21.11 -22.86
N LEU A 110 -21.36 -21.49 -21.94
CA LEU A 110 -20.14 -20.69 -21.71
C LEU A 110 -19.24 -20.54 -22.97
N ARG A 111 -18.91 -21.65 -23.65
CA ARG A 111 -17.92 -21.61 -24.75
C ARG A 111 -18.33 -20.64 -25.83
N GLU A 112 -19.60 -20.69 -26.17
CA GLU A 112 -20.10 -19.92 -27.28
C GLU A 112 -20.40 -18.49 -26.88
N THR A 113 -20.67 -18.23 -25.61
CA THR A 113 -21.04 -16.85 -25.29
C THR A 113 -20.08 -16.05 -24.41
N PHE A 114 -19.24 -16.73 -23.63
CA PHE A 114 -18.38 -16.02 -22.68
C PHE A 114 -17.36 -15.22 -23.47
N ASP A 115 -17.25 -13.93 -23.19
CA ASP A 115 -16.19 -13.11 -23.80
C ASP A 115 -14.86 -13.38 -23.09
N HIS A 116 -13.98 -14.11 -23.77
CA HIS A 116 -12.71 -14.57 -23.19
C HIS A 116 -11.74 -13.45 -22.77
N GLU A 117 -11.98 -12.23 -23.24
CA GLU A 117 -11.21 -11.07 -22.84
C GLU A 117 -11.66 -10.52 -21.48
N ALA A 118 -12.81 -11.00 -20.98
CA ALA A 118 -13.41 -10.52 -19.71
C ALA A 118 -13.00 -11.44 -18.59
N SER A 119 -13.46 -11.17 -17.36
CA SER A 119 -13.09 -11.97 -16.20
C SER A 119 -13.94 -13.25 -16.14
N LEU A 120 -13.27 -14.41 -16.23
CA LEU A 120 -13.95 -15.70 -16.03
C LEU A 120 -14.50 -15.79 -14.60
N TYR A 121 -13.70 -15.39 -13.60
CA TYR A 121 -14.17 -15.37 -12.23
C TYR A 121 -15.50 -14.60 -12.05
N ALA A 122 -15.62 -13.44 -12.69
CA ALA A 122 -16.84 -12.62 -12.62
C ALA A 122 -17.99 -13.27 -13.38
N GLU A 123 -17.70 -13.94 -14.48
CA GLU A 123 -18.79 -14.62 -15.21
C GLU A 123 -19.32 -15.73 -14.34
N ILE A 124 -18.41 -16.47 -13.71
CA ILE A 124 -18.81 -17.53 -12.80
C ILE A 124 -19.65 -16.98 -11.60
N ARG A 125 -19.19 -15.92 -10.97
CA ARG A 125 -20.05 -15.21 -10.00
C ARG A 125 -21.42 -14.71 -10.51
N SER A 126 -21.48 -14.20 -11.75
CA SER A 126 -22.76 -13.74 -12.29
CA SER A 126 -22.74 -13.75 -12.38
C SER A 126 -23.73 -14.91 -12.51
N ARG A 127 -23.17 -16.11 -12.61
CA ARG A 127 -23.96 -17.35 -12.63
C ARG A 127 -24.24 -17.89 -11.24
N GLY A 128 -23.95 -17.10 -10.19
CA GLY A 128 -24.39 -17.46 -8.83
C GLY A 128 -23.48 -18.35 -8.02
N ILE A 129 -22.22 -18.44 -8.47
CA ILE A 129 -21.28 -19.40 -7.96
C ILE A 129 -20.15 -18.62 -7.30
N ALA A 130 -20.02 -18.82 -5.98
CA ALA A 130 -19.10 -18.03 -5.14
C ALA A 130 -17.76 -18.73 -4.90
N PHE A 131 -16.67 -18.03 -5.12
CA PHE A 131 -15.38 -18.65 -4.81
C PHE A 131 -15.20 -18.67 -3.31
N THR A 132 -15.29 -19.83 -2.69
CA THR A 132 -15.35 -19.90 -1.25
C THR A 132 -14.09 -20.48 -0.59
N ARG A 133 -13.45 -21.42 -1.27
CA ARG A 133 -12.22 -21.98 -0.76
C ARG A 133 -11.33 -22.23 -1.97
N THR A 134 -10.04 -21.84 -1.87
CA THR A 134 -9.05 -22.23 -2.88
C THR A 134 -7.91 -23.03 -2.26
N VAL A 135 -7.37 -23.97 -3.02
CA VAL A 135 -6.23 -24.79 -2.63
C VAL A 135 -5.19 -24.62 -3.74
N ASP A 136 -4.10 -23.93 -3.45
CA ASP A 136 -3.06 -23.60 -4.42
C ASP A 136 -1.77 -24.36 -4.09
N THR A 137 -1.12 -24.91 -5.11
CA THR A 137 0.25 -25.33 -4.98
C THR A 137 1.12 -24.38 -5.84
N ILE A 138 2.33 -24.10 -5.38
CA ILE A 138 3.21 -23.16 -6.05
C ILE A 138 4.51 -23.88 -6.30
N ASP A 139 4.82 -24.06 -7.57
CA ASP A 139 6.02 -24.76 -8.03
C ASP A 139 6.83 -23.85 -8.96
N THR A 140 8.08 -24.23 -9.23
CA THR A 140 8.87 -23.47 -10.21
C THR A 140 9.14 -24.44 -11.33
N ALA A 141 9.32 -23.96 -12.56
CA ALA A 141 9.39 -24.87 -13.70
C ALA A 141 10.02 -24.14 -14.84
N LEU A 142 10.54 -24.87 -15.82
CA LEU A 142 10.97 -24.29 -17.08
C LEU A 142 9.81 -24.53 -18.01
N PRO A 143 9.59 -23.61 -18.94
CA PRO A 143 8.51 -23.83 -19.92
C PRO A 143 8.91 -24.83 -21.00
N ASP A 144 7.95 -25.55 -21.56
CA ASP A 144 8.24 -26.20 -22.85
C ASP A 144 8.28 -25.19 -24.01
N ALA A 145 8.67 -25.63 -25.21
CA ALA A 145 8.85 -24.69 -26.32
C ALA A 145 7.55 -23.98 -26.69
N ARG A 146 6.43 -24.72 -26.66
CA ARG A 146 5.11 -24.13 -26.97
C ARG A 146 4.76 -23.05 -25.93
N GLU A 147 4.85 -23.41 -24.65
CA GLU A 147 4.58 -22.42 -23.62
C GLU A 147 5.51 -21.23 -23.75
N ALA A 148 6.78 -21.47 -24.02
CA ALA A 148 7.73 -20.36 -24.15
C ALA A 148 7.38 -19.42 -25.31
N ALA A 149 6.98 -20.03 -26.44
CA ALA A 149 6.60 -19.27 -27.65
C ALA A 149 5.38 -18.38 -27.39
N LEU A 150 4.40 -18.93 -26.70
CA LEU A 150 3.17 -18.14 -26.45
C LEU A 150 3.50 -16.97 -25.50
N LEU A 151 4.46 -17.16 -24.60
CA LEU A 151 4.82 -16.13 -23.61
C LEU A 151 5.93 -15.20 -24.07
N GLY A 152 6.53 -15.52 -25.21
CA GLY A 152 7.59 -14.66 -25.73
C GLY A 152 8.83 -14.79 -24.87
N ALA A 153 8.97 -15.91 -24.16
CA ALA A 153 10.06 -16.16 -23.19
C ALA A 153 11.15 -17.07 -23.75
N ASP A 154 12.37 -16.88 -23.29
CA ASP A 154 13.44 -17.86 -23.55
C ASP A 154 13.11 -19.09 -22.77
N ALA A 155 13.28 -20.25 -23.37
CA ALA A 155 12.92 -21.47 -22.68
C ALA A 155 13.86 -21.85 -21.50
N ARG A 156 14.96 -21.12 -21.33
CA ARG A 156 15.82 -21.28 -20.15
C ARG A 156 15.31 -20.48 -18.95
N THR A 157 14.34 -19.58 -19.15
CA THR A 157 13.77 -18.74 -18.06
C THR A 157 12.87 -19.50 -17.04
N PRO A 158 13.13 -19.30 -15.73
CA PRO A 158 12.32 -19.90 -14.68
C PRO A 158 10.91 -19.27 -14.65
N MET A 159 9.93 -20.12 -14.37
CA MET A 159 8.52 -19.75 -14.34
C MET A 159 7.97 -20.19 -13.03
N PHE A 160 6.94 -19.47 -12.55
CA PHE A 160 6.07 -20.01 -11.50
C PHE A 160 5.05 -20.98 -12.14
N LEU A 161 4.89 -22.17 -11.55
CA LEU A 161 3.83 -23.06 -12.00
C LEU A 161 2.82 -23.15 -10.85
N LEU A 162 1.65 -22.55 -11.03
CA LEU A 162 0.64 -22.50 -9.94
C LEU A 162 -0.47 -23.42 -10.36
N ASN A 163 -0.95 -24.24 -9.42
CA ASN A 163 -2.09 -25.10 -9.71
C ASN A 163 -3.10 -24.91 -8.63
N ARG A 164 -4.35 -24.67 -9.03
CA ARG A 164 -5.41 -24.33 -8.10
C ARG A 164 -6.65 -25.20 -8.29
N VAL A 165 -7.26 -25.62 -7.18
CA VAL A 165 -8.65 -26.05 -7.24
C VAL A 165 -9.46 -25.05 -6.42
N SER A 166 -10.55 -24.54 -6.99
CA SER A 166 -11.47 -23.65 -6.28
C SER A 166 -12.81 -24.36 -6.04
N TYR A 167 -13.45 -24.01 -4.92
CA TYR A 167 -14.70 -24.64 -4.44
C TYR A 167 -15.72 -23.57 -4.11
N ASP A 168 -16.99 -23.88 -4.37
CA ASP A 168 -18.00 -22.87 -4.23
C ASP A 168 -18.63 -22.91 -2.84
N GLN A 169 -19.71 -22.17 -2.67
CA GLN A 169 -20.36 -22.09 -1.37
C GLN A 169 -20.89 -23.40 -0.83
N ASP A 170 -21.14 -24.39 -1.70
CA ASP A 170 -21.46 -25.77 -1.22
C ASP A 170 -20.32 -26.74 -1.28
N ASP A 171 -19.09 -26.20 -1.31
CA ASP A 171 -17.88 -26.98 -1.43
C ASP A 171 -17.86 -27.86 -2.69
N VAL A 172 -18.56 -27.43 -3.73
CA VAL A 172 -18.50 -28.12 -5.03
C VAL A 172 -17.44 -27.46 -5.88
N ALA A 173 -16.62 -28.27 -6.52
CA ALA A 173 -15.50 -27.71 -7.29
C ALA A 173 -16.01 -26.88 -8.47
N ILE A 174 -15.32 -25.78 -8.68
CA ILE A 174 -15.58 -24.78 -9.69
C ILE A 174 -14.70 -24.99 -10.92
N GLU A 175 -13.41 -25.26 -10.70
CA GLU A 175 -12.43 -25.30 -11.79
C GLU A 175 -11.18 -25.97 -11.28
N GLN A 176 -10.33 -26.42 -12.20
CA GLN A 176 -8.92 -26.65 -11.87
C GLN A 176 -8.14 -25.70 -12.80
N ARG A 177 -7.21 -24.94 -12.24
CA ARG A 177 -6.53 -23.87 -12.98
C ARG A 177 -5.02 -24.01 -12.91
N ARG A 178 -4.38 -24.09 -14.05
CA ARG A 178 -2.93 -24.13 -14.09
C ARG A 178 -2.48 -22.80 -14.66
N SER A 179 -1.59 -22.12 -13.94
CA SER A 179 -1.09 -20.81 -14.39
C SER A 179 0.42 -20.92 -14.44
N LEU A 180 0.99 -20.56 -15.57
CA LEU A 180 2.43 -20.53 -15.76
C LEU A 180 2.84 -19.07 -15.93
N TYR A 181 3.57 -18.51 -14.96
CA TYR A 181 3.91 -17.07 -14.99
C TYR A 181 5.41 -16.88 -15.17
N ARG A 182 5.77 -15.88 -15.99
CA ARG A 182 7.16 -15.57 -16.27
C ARG A 182 7.85 -15.06 -15.02
N GLY A 183 8.93 -15.75 -14.65
CA GLY A 183 9.64 -15.39 -13.43
C GLY A 183 10.23 -14.02 -13.56
N ASP A 184 10.59 -13.62 -14.78
CA ASP A 184 11.21 -12.31 -14.94
C ASP A 184 10.18 -11.17 -14.96
N ARG A 185 8.89 -11.49 -14.90
CA ARG A 185 7.86 -10.45 -14.95
C ARG A 185 6.93 -10.44 -13.74
N MET A 186 6.97 -11.46 -12.90
CA MET A 186 6.04 -11.58 -11.80
CA MET A 186 6.05 -11.58 -11.80
C MET A 186 6.78 -11.85 -10.50
N THR A 187 6.31 -11.25 -9.41
CA THR A 187 6.82 -11.55 -8.09
C THR A 187 5.60 -11.63 -7.22
N PHE A 188 5.47 -12.70 -6.43
CA PHE A 188 4.33 -12.82 -5.55
C PHE A 188 4.71 -12.42 -4.14
N THR A 189 3.74 -11.93 -3.38
CA THR A 189 4.06 -11.43 -2.06
C THR A 189 3.06 -11.94 -1.05
N ALA A 190 3.54 -12.07 0.18
CA ALA A 190 2.70 -12.46 1.28
C ALA A 190 3.13 -11.69 2.52
N VAL A 191 2.13 -11.19 3.24
CA VAL A 191 2.34 -10.54 4.52
C VAL A 191 1.62 -11.39 5.55
N MET A 192 2.30 -11.73 6.63
CA MET A 192 1.67 -12.52 7.66
C MET A 192 1.84 -11.87 9.02
N HIS A 193 0.80 -12.04 9.85
CA HIS A 193 0.71 -11.46 11.18
C HIS A 193 0.56 -12.54 12.21
N ALA A 194 1.23 -12.35 13.34
CA ALA A 194 1.07 -13.22 14.50
C ALA A 194 -0.39 -13.28 14.99
N ALA B 32 4.45 5.39 7.36
CA ALA B 32 4.81 6.14 8.60
C ALA B 32 3.57 6.70 9.32
N ILE B 33 3.65 7.98 9.70
CA ILE B 33 2.75 8.59 10.67
C ILE B 33 1.47 9.03 9.99
N ARG B 34 0.34 8.68 10.58
CA ARG B 34 -0.95 9.23 10.16
C ARG B 34 -1.49 10.11 11.27
N GLN B 35 -1.63 11.39 10.94
CA GLN B 35 -1.99 12.41 11.91
C GLN B 35 -3.32 13.08 11.53
N PRO B 36 -4.33 12.96 12.39
CA PRO B 36 -5.56 13.73 12.20
C PRO B 36 -5.28 15.22 12.25
N LEU B 37 -5.94 15.95 11.37
CA LEU B 37 -5.88 17.40 11.38
C LEU B 37 -6.56 17.80 12.67
N GLY B 38 -6.03 18.77 13.41
CA GLY B 38 -6.71 19.17 14.62
C GLY B 38 -6.11 20.45 15.16
N MET B 39 -6.67 20.91 16.28
CA MET B 39 -6.28 22.24 16.80
C MET B 39 -5.04 22.10 17.65
N GLY B 40 -4.86 20.93 18.25
CA GLY B 40 -3.72 20.69 19.14
C GLY B 40 -2.41 20.42 18.40
N SER B 41 -1.31 20.62 19.10
CA SER B 41 0.01 20.28 18.59
C SER B 41 0.09 18.84 18.03
N TYR B 42 0.60 18.72 16.82
CA TYR B 42 0.89 17.37 16.25
C TYR B 42 1.99 16.63 16.98
N THR B 43 2.97 17.34 17.54
CA THR B 43 3.93 16.64 18.40
C THR B 43 3.21 16.01 19.60
N GLU B 44 2.30 16.73 20.23
CA GLU B 44 1.62 16.12 21.38
C GLU B 44 0.66 14.98 20.98
N ALA B 45 -0.02 15.14 19.85
CA ALA B 45 -0.86 14.07 19.25
C ALA B 45 -0.07 12.78 19.03
N ALA B 46 1.09 12.90 18.37
CA ALA B 46 1.99 11.78 18.20
C ALA B 46 2.27 11.13 19.53
N LYS B 47 2.51 11.93 20.56
CA LYS B 47 2.84 11.36 21.87
C LYS B 47 1.60 10.62 22.38
N ALA B 48 0.46 11.28 22.27
CA ALA B 48 -0.80 10.68 22.65
C ALA B 48 -1.04 9.30 21.97
N GLN B 49 -0.57 9.11 20.74
CA GLN B 49 -0.77 7.84 20.02
C GLN B 49 0.23 6.79 20.46
N GLY B 50 0.97 7.07 21.54
CA GLY B 50 2.02 6.17 21.99
C GLY B 50 3.33 6.24 21.21
N LEU B 51 3.50 7.23 20.35
CA LEU B 51 4.77 7.35 19.61
C LEU B 51 5.75 8.25 20.37
N SER B 52 7.03 8.04 20.14
CA SER B 52 8.06 8.98 20.58
C SER B 52 7.97 10.17 19.65
N ALA B 53 8.15 11.38 20.19
CA ALA B 53 8.06 12.58 19.34
C ALA B 53 8.78 13.67 20.11
N GLY B 54 9.34 14.63 19.41
CA GLY B 54 10.21 15.60 20.06
C GLY B 54 10.43 16.79 19.19
N ARG B 55 11.10 17.82 19.74
CA ARG B 55 11.39 19.03 19.02
C ARG B 55 12.86 19.35 19.22
N ILE B 56 13.55 19.64 18.11
CA ILE B 56 14.95 19.96 18.14
C ILE B 56 15.10 21.43 17.77
N LEU B 57 15.72 22.21 18.65
CA LEU B 57 15.80 23.63 18.40
C LEU B 57 16.75 23.88 17.25
N VAL B 58 16.33 24.68 16.29
CA VAL B 58 17.23 25.12 15.23
C VAL B 58 17.74 26.51 15.60
N ALA B 59 16.80 27.42 15.87
CA ALA B 59 17.14 28.77 16.36
C ALA B 59 15.94 29.59 16.79
N TRP B 60 16.16 30.45 17.78
CA TRP B 60 15.26 31.57 18.01
C TRP B 60 15.82 32.76 17.24
N SER B 61 14.95 33.61 16.73
CA SER B 61 15.34 34.81 16.02
C SER B 61 14.44 35.96 16.46
N ASP B 62 14.99 37.18 16.41
CA ASP B 62 14.22 38.39 16.68
C ASP B 62 13.91 39.08 15.37
N LEU B 63 12.63 39.39 15.15
CA LEU B 63 12.21 39.98 13.89
C LEU B 63 11.42 41.23 14.17
N THR B 64 11.10 41.98 13.12
CA THR B 64 10.09 43.01 13.26
C THR B 64 9.03 42.72 12.20
N ALA B 65 7.78 43.00 12.54
CA ALA B 65 6.66 42.66 11.66
C ALA B 65 6.65 43.52 10.39
N ASP B 66 6.72 42.89 9.21
CA ASP B 66 6.50 43.62 7.94
C ASP B 66 4.99 43.89 7.76
N GLU B 67 4.59 44.46 6.64
CA GLU B 67 3.20 44.85 6.50
C GLU B 67 2.30 43.63 6.51
N VAL B 68 2.71 42.57 5.82
CA VAL B 68 1.86 41.40 5.73
C VAL B 68 1.73 40.76 7.11
N LEU B 69 2.86 40.55 7.80
CA LEU B 69 2.78 39.87 9.09
C LEU B 69 2.08 40.71 10.15
N ALA B 70 2.27 42.04 10.12
CA ALA B 70 1.56 42.91 11.04
C ALA B 70 0.05 42.79 10.89
N GLY B 71 -0.40 42.69 9.65
CA GLY B 71 -1.80 42.51 9.33
C GLY B 71 -2.27 41.17 9.90
N VAL B 72 -1.50 40.13 9.65
CA VAL B 72 -1.82 38.78 10.15
C VAL B 72 -1.98 38.75 11.67
N LEU B 73 -1.00 39.33 12.36
CA LEU B 73 -0.98 39.24 13.82
C LEU B 73 -1.83 40.33 14.46
N GLY B 74 -2.29 41.29 13.67
CA GLY B 74 -3.07 42.40 14.24
C GLY B 74 -2.18 43.28 15.14
N VAL B 75 -0.94 43.53 14.72
CA VAL B 75 -0.01 44.38 15.47
C VAL B 75 0.50 45.54 14.60
N ASP B 76 1.13 46.55 15.22
CA ASP B 76 1.77 47.62 14.43
C ASP B 76 2.86 47.13 13.47
N VAL B 77 2.96 47.72 12.28
CA VAL B 77 4.13 47.46 11.43
C VAL B 77 5.39 47.84 12.26
N GLY B 78 6.46 47.03 12.18
CA GLY B 78 7.65 47.23 13.03
C GLY B 78 7.59 46.59 14.41
N ALA B 79 6.42 46.10 14.81
CA ALA B 79 6.31 45.48 16.16
C ALA B 79 7.27 44.32 16.26
N PRO B 80 7.84 44.08 17.47
CA PRO B 80 8.79 43.01 17.69
C PRO B 80 8.11 41.64 17.54
N VAL B 81 8.82 40.72 16.89
CA VAL B 81 8.34 39.37 16.63
C VAL B 81 9.44 38.42 17.09
N LEU B 82 9.05 37.37 17.80
CA LEU B 82 9.97 36.37 18.22
C LEU B 82 9.70 35.20 17.31
N GLN B 83 10.73 34.65 16.71
CA GLN B 83 10.56 33.48 15.87
C GLN B 83 11.25 32.27 16.48
N LEU B 84 10.51 31.16 16.59
CA LEU B 84 11.08 29.89 17.06
C LEU B 84 11.09 28.85 15.94
N GLU B 85 12.27 28.34 15.57
CA GLU B 85 12.31 27.36 14.53
C GLU B 85 12.83 26.07 15.11
N ARG B 86 12.11 24.96 14.85
CA ARG B 86 12.47 23.68 15.40
C ARG B 86 12.24 22.57 14.36
N VAL B 87 13.02 21.52 14.48
CA VAL B 87 12.81 20.34 13.65
C VAL B 87 12.03 19.37 14.54
N LEU B 88 10.98 18.80 13.99
CA LEU B 88 10.11 17.94 14.75
C LEU B 88 10.42 16.51 14.36
N THR B 89 10.38 15.62 15.34
CA THR B 89 10.72 14.22 15.10
C THR B 89 9.54 13.38 15.54
N THR B 90 9.38 12.19 14.93
CA THR B 90 8.37 11.26 15.42
C THR B 90 8.91 9.87 15.18
N ASP B 91 8.82 8.99 16.17
CA ASP B 91 9.26 7.60 16.02
C ASP B 91 10.76 7.57 15.65
N GLY B 92 11.53 8.48 16.24
CA GLY B 92 12.99 8.58 16.01
C GLY B 92 13.54 9.18 14.71
N VAL B 93 12.68 9.68 13.83
CA VAL B 93 13.16 10.29 12.59
C VAL B 93 12.56 11.68 12.43
N ARG B 94 13.19 12.52 11.63
CA ARG B 94 12.73 13.88 11.38
C ARG B 94 11.54 13.85 10.46
N VAL B 95 10.46 14.53 10.83
CA VAL B 95 9.27 14.62 9.98
C VAL B 95 8.93 16.02 9.48
N GLY B 96 9.34 17.09 10.19
CA GLY B 96 8.88 18.43 9.81
C GLY B 96 9.78 19.53 10.36
N LEU B 97 9.70 20.67 9.68
CA LEU B 97 10.38 21.88 10.12
C LEU B 97 9.30 22.93 10.41
N GLU B 98 9.28 23.38 11.66
CA GLU B 98 8.24 24.26 12.12
C GLU B 98 8.78 25.62 12.48
N THR B 99 8.25 26.66 11.85
CA THR B 99 8.63 28.02 12.10
C THR B 99 7.44 28.81 12.66
N THR B 100 7.55 29.17 13.94
CA THR B 100 6.48 29.89 14.62
C THR B 100 6.87 31.36 14.82
N LYS B 101 6.03 32.26 14.32
CA LYS B 101 6.19 33.69 14.57
C LYS B 101 5.21 34.16 15.61
N LEU B 102 5.72 34.75 16.70
CA LEU B 102 4.87 35.26 17.77
C LEU B 102 5.03 36.76 17.95
N PRO B 103 3.92 37.46 18.23
CA PRO B 103 3.99 38.90 18.58
C PRO B 103 4.71 38.92 19.94
N ALA B 104 5.94 39.42 19.96
CA ALA B 104 6.77 39.37 21.16
C ALA B 104 6.14 40.05 22.39
N GLN B 105 5.42 41.14 22.19
CA GLN B 105 4.80 41.83 23.32
C GLN B 105 3.77 41.01 24.08
N ARG B 106 3.20 39.99 23.43
CA ARG B 106 2.27 39.10 24.14
C ARG B 106 2.93 38.12 25.10
N TYR B 107 4.20 37.83 24.90
CA TYR B 107 4.89 36.75 25.61
C TYR B 107 6.17 37.23 26.33
N PRO B 108 6.03 38.16 27.27
CA PRO B 108 7.21 38.56 28.04
C PRO B 108 7.88 37.35 28.72
N GLY B 109 9.22 37.32 28.66
CA GLY B 109 10.06 36.31 29.32
C GLY B 109 10.12 34.95 28.59
N LEU B 110 9.41 34.81 27.47
CA LEU B 110 9.25 33.50 26.82
C LEU B 110 10.59 32.96 26.32
N ARG B 111 11.39 33.78 25.62
CA ARG B 111 12.64 33.23 25.08
C ARG B 111 13.57 32.76 26.21
N GLU B 112 13.56 33.51 27.30
CA GLU B 112 14.42 33.21 28.43
C GLU B 112 13.99 31.99 29.22
N THR B 113 12.70 31.72 29.36
CA THR B 113 12.23 30.75 30.34
C THR B 113 11.64 29.49 29.75
N PHE B 114 11.23 29.56 28.48
CA PHE B 114 10.58 28.43 27.84
C PHE B 114 11.56 27.32 27.45
N ASP B 115 11.29 26.09 27.90
CA ASP B 115 12.09 24.93 27.43
C ASP B 115 11.66 24.58 25.99
N HIS B 116 12.53 24.80 25.02
CA HIS B 116 12.14 24.65 23.61
C HIS B 116 11.93 23.19 23.18
N GLU B 117 12.25 22.25 24.06
CA GLU B 117 11.91 20.83 23.88
C GLU B 117 10.48 20.49 24.34
N ALA B 118 9.89 21.38 25.13
CA ALA B 118 8.53 21.20 25.62
C ALA B 118 7.49 21.73 24.61
N SER B 119 6.22 21.62 24.99
CA SER B 119 5.15 22.10 24.16
C SER B 119 4.93 23.60 24.29
N LEU B 120 5.05 24.32 23.17
CA LEU B 120 4.82 25.78 23.14
C LEU B 120 3.35 26.01 23.30
N TYR B 121 2.53 25.16 22.68
CA TYR B 121 1.09 25.31 22.91
C TYR B 121 0.76 25.23 24.38
N ALA B 122 1.30 24.25 25.12
CA ALA B 122 1.00 24.19 26.55
C ALA B 122 1.50 25.44 27.31
N GLU B 123 2.67 25.94 26.92
CA GLU B 123 3.18 27.18 27.53
C GLU B 123 2.24 28.35 27.28
N ILE B 124 1.73 28.51 26.05
CA ILE B 124 0.77 29.60 25.76
C ILE B 124 -0.53 29.43 26.59
N ARG B 125 -1.07 28.20 26.64
CA ARG B 125 -2.25 28.01 27.44
C ARG B 125 -2.00 28.35 28.92
N SER B 126 -0.80 28.07 29.43
CA SER B 126 -0.48 28.29 30.87
C SER B 126 -0.41 29.80 31.21
N ARG B 127 -0.37 30.63 30.16
CA ARG B 127 -0.42 32.09 30.26
C ARG B 127 -1.87 32.61 30.11
N GLY B 128 -2.82 31.68 30.11
CA GLY B 128 -4.23 32.03 30.13
C GLY B 128 -4.74 32.32 28.75
N ILE B 129 -4.06 31.79 27.75
CA ILE B 129 -4.48 32.05 26.39
C ILE B 129 -5.05 30.75 25.81
N ALA B 130 -6.32 30.79 25.42
CA ALA B 130 -6.97 29.58 24.94
C ALA B 130 -6.96 29.61 23.42
N PHE B 131 -6.61 28.48 22.82
CA PHE B 131 -6.66 28.32 21.36
C PHE B 131 -8.13 28.13 20.97
N THR B 132 -8.72 29.21 20.47
CA THR B 132 -10.17 29.27 20.30
C THR B 132 -10.60 29.06 18.86
N ARG B 133 -9.87 29.63 17.93
CA ARG B 133 -10.08 29.37 16.52
C ARG B 133 -8.74 29.23 15.81
N THR B 134 -8.66 28.28 14.90
CA THR B 134 -7.44 28.10 14.08
C THR B 134 -7.84 28.15 12.62
N VAL B 135 -7.04 28.85 11.83
CA VAL B 135 -7.26 28.92 10.39
C VAL B 135 -6.02 28.35 9.72
N ASP B 136 -6.19 27.18 9.09
CA ASP B 136 -5.10 26.44 8.44
C ASP B 136 -5.22 26.54 6.91
N THR B 137 -4.11 26.75 6.22
CA THR B 137 -4.06 26.56 4.76
C THR B 137 -3.16 25.36 4.54
N ILE B 138 -3.46 24.53 3.56
CA ILE B 138 -2.68 23.33 3.34
C ILE B 138 -2.20 23.36 1.91
N ASP B 139 -0.89 23.37 1.73
CA ASP B 139 -0.30 23.43 0.40
C ASP B 139 0.69 22.30 0.21
N THR B 140 1.15 22.14 -1.03
CA THR B 140 2.24 21.25 -1.38
CA THR B 140 2.26 21.26 -1.24
C THR B 140 3.42 22.11 -1.77
N ALA B 141 4.64 21.60 -1.60
CA ALA B 141 5.84 22.36 -1.89
C ALA B 141 7.04 21.46 -2.07
N LEU B 142 8.07 21.99 -2.74
CA LEU B 142 9.42 21.41 -2.74
C LEU B 142 10.27 22.15 -1.72
N PRO B 143 11.10 21.46 -0.95
CA PRO B 143 11.90 22.16 0.06
C PRO B 143 13.03 22.95 -0.61
N ASP B 144 13.40 24.12 -0.08
CA ASP B 144 14.64 24.74 -0.58
C ASP B 144 15.85 23.99 0.01
N ALA B 145 17.07 24.43 -0.32
CA ALA B 145 18.26 23.67 0.06
C ALA B 145 18.40 23.61 1.58
N ARG B 146 18.10 24.73 2.24
CA ARG B 146 18.18 24.82 3.71
C ARG B 146 17.18 23.85 4.39
N GLU B 147 15.94 23.92 3.94
CA GLU B 147 14.87 23.07 4.45
C GLU B 147 15.18 21.58 4.27
N ALA B 148 15.69 21.21 3.09
CA ALA B 148 15.98 19.83 2.79
C ALA B 148 17.10 19.31 3.67
N ALA B 149 18.12 20.14 3.89
CA ALA B 149 19.21 19.77 4.81
C ALA B 149 18.73 19.50 6.24
N LEU B 150 17.92 20.41 6.75
CA LEU B 150 17.41 20.27 8.12
C LEU B 150 16.58 19.02 8.27
N LEU B 151 15.80 18.71 7.23
CA LEU B 151 14.91 17.54 7.32
C LEU B 151 15.52 16.22 6.85
N GLY B 152 16.69 16.32 6.21
CA GLY B 152 17.37 15.14 5.71
C GLY B 152 16.69 14.65 4.44
N ALA B 153 16.01 15.53 3.73
CA ALA B 153 15.18 15.12 2.60
C ALA B 153 15.86 15.48 1.29
N ASP B 154 15.42 14.85 0.20
CA ASP B 154 15.91 15.11 -1.12
C ASP B 154 15.17 16.33 -1.64
N ALA B 155 15.84 17.19 -2.37
CA ALA B 155 15.19 18.37 -2.96
C ALA B 155 13.96 18.01 -3.82
N ARG B 156 13.94 16.77 -4.30
CA ARG B 156 12.85 16.31 -5.13
C ARG B 156 11.58 15.95 -4.38
N THR B 157 11.68 15.74 -3.06
CA THR B 157 10.58 15.16 -2.27
C THR B 157 9.46 16.18 -2.09
N PRO B 158 8.25 15.88 -2.60
CA PRO B 158 7.14 16.78 -2.29
C PRO B 158 6.89 16.84 -0.79
N MET B 159 6.56 18.02 -0.27
CA MET B 159 6.31 18.20 1.16
C MET B 159 4.91 18.77 1.31
N PHE B 160 4.32 18.64 2.50
CA PHE B 160 3.19 19.47 2.89
C PHE B 160 3.71 20.83 3.45
N LEU B 161 3.08 21.91 3.01
CA LEU B 161 3.31 23.23 3.57
C LEU B 161 2.03 23.69 4.23
N LEU B 162 2.01 23.62 5.55
CA LEU B 162 0.87 24.06 6.32
C LEU B 162 1.21 25.44 6.90
N ASN B 163 0.27 26.35 6.80
CA ASN B 163 0.35 27.62 7.48
C ASN B 163 -0.89 27.84 8.30
N ARG B 164 -0.69 28.28 9.52
CA ARG B 164 -1.77 28.48 10.48
C ARG B 164 -1.73 29.83 11.13
N VAL B 165 -2.90 30.44 11.31
CA VAL B 165 -3.08 31.49 12.30
C VAL B 165 -4.03 31.00 13.39
N SER B 166 -3.61 31.20 14.63
CA SER B 166 -4.45 30.84 15.78
C SER B 166 -4.95 32.10 16.46
N TYR B 167 -6.15 32.07 17.02
CA TYR B 167 -6.73 33.25 17.68
C TYR B 167 -7.23 32.82 19.02
N ASP B 168 -7.18 33.74 19.96
CA ASP B 168 -7.50 33.45 21.34
C ASP B 168 -8.96 33.73 21.60
N GLN B 169 -9.34 33.62 22.86
CA GLN B 169 -10.73 33.77 23.30
C GLN B 169 -11.29 35.17 23.04
N ASP B 170 -10.41 36.15 22.88
CA ASP B 170 -10.84 37.51 22.47
C ASP B 170 -10.65 37.75 20.99
N ASP B 171 -10.32 36.67 20.30
CA ASP B 171 -10.07 36.70 18.88
C ASP B 171 -8.80 37.49 18.55
N VAL B 172 -7.86 37.54 19.48
CA VAL B 172 -6.58 38.17 19.17
C VAL B 172 -5.58 37.11 18.66
N ALA B 173 -4.86 37.40 17.57
CA ALA B 173 -3.87 36.45 17.02
C ALA B 173 -2.83 36.04 18.07
N ILE B 174 -2.68 34.74 18.20
CA ILE B 174 -1.66 34.09 19.03
C ILE B 174 -0.30 33.89 18.38
N GLU B 175 -0.30 33.42 17.11
CA GLU B 175 0.91 32.94 16.43
C GLU B 175 0.59 32.87 14.93
N GLN B 176 1.64 32.85 14.13
CA GLN B 176 1.56 32.42 12.75
C GLN B 176 2.57 31.32 12.71
N ARG B 177 2.10 30.15 12.31
CA ARG B 177 2.92 28.94 12.32
CA ARG B 177 2.90 28.95 12.33
C ARG B 177 3.02 28.33 10.93
N ARG B 178 4.26 28.18 10.49
CA ARG B 178 4.54 27.53 9.22
C ARG B 178 5.11 26.14 9.52
N SER B 179 4.49 25.09 9.00
CA SER B 179 5.06 23.75 9.20
C SER B 179 5.31 23.06 7.88
N LEU B 180 6.54 22.60 7.66
CA LEU B 180 6.91 21.96 6.42
C LEU B 180 7.16 20.50 6.77
N TYR B 181 6.27 19.62 6.30
CA TYR B 181 6.31 18.21 6.66
C TYR B 181 6.77 17.32 5.49
N ARG B 182 7.62 16.32 5.77
CA ARG B 182 8.16 15.45 4.75
C ARG B 182 7.05 14.56 4.17
N GLY B 183 6.85 14.64 2.85
CA GLY B 183 5.75 13.91 2.21
C GLY B 183 5.89 12.39 2.32
N ASP B 184 7.12 11.92 2.37
CA ASP B 184 7.39 10.48 2.50
C ASP B 184 7.21 9.97 3.93
N ARG B 185 6.98 10.88 4.88
CA ARG B 185 6.90 10.44 6.27
C ARG B 185 5.60 10.78 7.00
N MET B 186 4.73 11.51 6.32
CA MET B 186 3.56 12.05 6.97
C MET B 186 2.35 11.82 6.06
N THR B 187 1.23 11.48 6.69
CA THR B 187 -0.06 11.45 6.04
C THR B 187 -1.06 12.15 6.98
N PHE B 188 -1.82 13.09 6.46
CA PHE B 188 -2.82 13.74 7.29
C PHE B 188 -4.21 13.10 7.09
N THR B 189 -5.03 13.07 8.13
CA THR B 189 -6.37 12.48 7.96
C THR B 189 -7.39 13.46 8.47
N ALA B 190 -8.60 13.39 7.91
CA ALA B 190 -9.72 14.12 8.45
C ALA B 190 -10.92 13.19 8.41
N VAL B 191 -11.67 13.16 9.50
CA VAL B 191 -12.91 12.42 9.58
C VAL B 191 -13.95 13.49 9.76
N MET B 192 -14.98 13.44 8.94
CA MET B 192 -16.08 14.38 9.07
C MET B 192 -17.39 13.65 9.18
N HIS B 193 -18.25 14.19 10.05
CA HIS B 193 -19.61 13.70 10.28
C HIS B 193 -20.68 14.68 9.81
N ALA B 194 -21.75 14.20 9.17
CA ALA B 194 -22.84 15.09 8.80
C ALA B 194 -23.57 15.69 10.02
N ALA B 198 -28.00 13.35 17.45
CA ALA B 198 -28.71 12.51 16.47
C ALA B 198 -30.02 13.17 16.09
N ILE B 199 -30.72 12.57 15.13
CA ILE B 199 -31.94 13.16 14.59
C ILE B 199 -33.12 12.24 14.91
N VAL B 200 -34.16 12.77 15.56
CA VAL B 200 -35.35 11.95 15.83
C VAL B 200 -36.64 12.64 15.37
N SER B 201 -37.71 11.87 15.27
CA SER B 201 -39.01 12.39 14.88
C SER B 201 -40.01 11.28 15.01
N ILE C 33 8.63 -32.66 -1.13
CA ILE C 33 8.20 -32.00 0.15
C ILE C 33 7.25 -30.83 -0.12
N ARG C 34 6.08 -30.89 0.51
CA ARG C 34 5.03 -29.91 0.33
C ARG C 34 4.93 -29.03 1.58
N GLN C 35 5.14 -27.74 1.41
CA GLN C 35 5.26 -26.82 2.56
C GLN C 35 4.26 -25.65 2.53
N PRO C 36 3.27 -25.65 3.47
CA PRO C 36 2.43 -24.47 3.59
C PRO C 36 3.30 -23.24 3.80
N LEU C 37 2.96 -22.12 3.16
CA LEU C 37 3.63 -20.86 3.44
C LEU C 37 3.30 -20.50 4.87
N GLY C 38 4.31 -20.11 5.63
CA GLY C 38 4.10 -19.85 7.06
C GLY C 38 5.07 -18.84 7.63
N MET C 39 4.74 -18.32 8.80
CA MET C 39 5.64 -17.41 9.54
C MET C 39 6.80 -18.16 10.19
N GLY C 40 6.54 -19.37 10.66
CA GLY C 40 7.57 -20.15 11.33
C GLY C 40 8.65 -20.63 10.38
N SER C 41 9.80 -21.01 10.94
CA SER C 41 10.90 -21.57 10.15
C SER C 41 10.42 -22.82 9.40
N TYR C 42 10.74 -22.92 8.12
CA TYR C 42 10.35 -24.13 7.36
C TYR C 42 11.16 -25.36 7.77
N THR C 43 12.33 -25.12 8.37
CA THR C 43 13.14 -26.23 8.88
C THR C 43 12.40 -26.90 10.04
N GLU C 44 11.97 -26.06 10.99
CA GLU C 44 11.13 -26.50 12.12
C GLU C 44 9.82 -27.11 11.62
N ALA C 45 9.18 -26.48 10.64
CA ALA C 45 7.94 -27.01 10.06
C ALA C 45 8.15 -28.42 9.50
N ALA C 46 9.25 -28.61 8.77
CA ALA C 46 9.59 -29.93 8.24
C ALA C 46 9.78 -30.91 9.41
N LYS C 47 10.39 -30.42 10.49
CA LYS C 47 10.57 -31.26 11.67
C LYS C 47 9.22 -31.69 12.22
N ALA C 48 8.31 -30.72 12.36
CA ALA C 48 6.93 -31.00 12.79
C ALA C 48 6.26 -32.11 11.97
N GLN C 49 6.09 -31.91 10.66
CA GLN C 49 5.44 -32.94 9.84
C GLN C 49 6.22 -34.27 9.79
N GLY C 50 7.00 -34.52 10.85
CA GLY C 50 7.71 -35.78 11.08
C GLY C 50 8.84 -36.15 10.13
N LEU C 51 9.65 -35.15 9.76
CA LEU C 51 10.75 -35.34 8.82
C LEU C 51 12.07 -34.97 9.48
N SER C 52 13.18 -35.51 8.98
CA SER C 52 14.50 -35.06 9.44
C SER C 52 14.79 -33.72 8.78
N ALA C 53 15.48 -32.86 9.50
CA ALA C 53 15.82 -31.55 8.95
C ALA C 53 16.96 -30.97 9.75
N GLY C 54 17.77 -30.13 9.10
CA GLY C 54 18.92 -29.55 9.80
C GLY C 54 19.53 -28.39 9.03
N ARG C 55 20.59 -27.83 9.60
CA ARG C 55 21.28 -26.67 9.09
C ARG C 55 22.79 -26.90 9.18
N ILE C 56 23.47 -26.56 8.09
CA ILE C 56 24.91 -26.74 7.94
C ILE C 56 25.50 -25.34 7.73
N LEU C 57 26.50 -24.97 8.53
CA LEU C 57 27.08 -23.64 8.43
C LEU C 57 27.81 -23.59 7.11
N VAL C 58 27.64 -22.47 6.42
CA VAL C 58 28.50 -22.10 5.33
C VAL C 58 29.52 -21.07 5.81
N ALA C 59 29.06 -19.92 6.31
CA ALA C 59 29.92 -18.85 6.85
C ALA C 59 29.13 -17.82 7.67
N TRP C 60 29.78 -17.29 8.70
CA TRP C 60 29.40 -16.04 9.30
C TRP C 60 30.22 -15.00 8.58
N SER C 61 29.63 -13.82 8.36
CA SER C 61 30.35 -12.69 7.77
C SER C 61 29.98 -11.43 8.51
N ASP C 62 30.95 -10.53 8.64
CA ASP C 62 30.71 -9.23 9.22
C ASP C 62 30.53 -8.24 8.07
N LEU C 63 29.37 -7.59 8.02
CA LEU C 63 29.12 -6.60 6.96
C LEU C 63 28.81 -5.26 7.60
N THR C 64 28.82 -4.21 6.77
CA THR C 64 28.26 -2.94 7.17
C THR C 64 27.11 -2.66 6.21
N ALA C 65 26.04 -2.06 6.74
CA ALA C 65 24.79 -1.92 5.97
C ALA C 65 24.91 -0.82 4.93
N ASP C 66 24.72 -1.16 3.66
CA ASP C 66 24.58 -0.12 2.63
C ASP C 66 23.22 0.62 2.72
N GLU C 67 23.08 1.67 1.91
CA GLU C 67 21.87 2.52 1.98
C GLU C 67 20.59 1.69 1.92
N VAL C 68 20.57 0.71 1.03
CA VAL C 68 19.38 -0.14 0.85
C VAL C 68 19.10 -1.01 2.07
N LEU C 69 20.11 -1.76 2.50
CA LEU C 69 19.96 -2.60 3.69
C LEU C 69 19.70 -1.81 4.99
N ALA C 70 20.33 -0.63 5.10
CA ALA C 70 20.10 0.26 6.26
C ALA C 70 18.61 0.63 6.35
N GLY C 71 18.04 0.98 5.20
CA GLY C 71 16.63 1.31 5.10
C GLY C 71 15.72 0.12 5.43
N VAL C 72 15.98 -1.03 4.81
CA VAL C 72 15.23 -2.25 5.18
C VAL C 72 15.26 -2.50 6.67
N LEU C 73 16.45 -2.52 7.28
CA LEU C 73 16.55 -2.88 8.70
C LEU C 73 16.24 -1.74 9.68
N GLY C 74 16.29 -0.50 9.18
CA GLY C 74 15.99 0.68 10.00
C GLY C 74 17.14 1.05 10.90
N VAL C 75 18.36 0.89 10.38
CA VAL C 75 19.59 1.16 11.12
C VAL C 75 20.37 2.22 10.35
N ASP C 76 21.49 2.69 10.91
CA ASP C 76 22.31 3.73 10.27
C ASP C 76 23.01 3.13 9.06
N VAL C 77 23.14 3.91 7.98
CA VAL C 77 24.03 3.53 6.85
C VAL C 77 25.45 3.35 7.40
N GLY C 78 26.03 2.15 7.28
CA GLY C 78 27.34 1.89 7.87
C GLY C 78 27.27 1.13 9.18
N ALA C 79 26.05 0.87 9.68
CA ALA C 79 25.89 0.08 10.91
C ALA C 79 26.45 -1.34 10.69
N PRO C 80 26.99 -2.00 11.76
CA PRO C 80 27.43 -3.38 11.62
C PRO C 80 26.25 -4.30 11.32
N VAL C 81 26.46 -5.23 10.39
CA VAL C 81 25.49 -6.27 10.06
C VAL C 81 26.20 -7.63 10.19
N LEU C 82 25.55 -8.55 10.87
CA LEU C 82 26.04 -9.91 11.01
C LEU C 82 25.26 -10.83 10.05
N GLN C 83 25.98 -11.51 9.16
CA GLN C 83 25.31 -12.38 8.18
C GLN C 83 25.57 -13.79 8.56
N LEU C 84 24.52 -14.59 8.66
CA LEU C 84 24.67 -16.02 8.87
C LEU C 84 24.22 -16.77 7.61
N GLU C 85 25.10 -17.55 6.98
CA GLU C 85 24.69 -18.30 5.80
C GLU C 85 24.74 -19.79 6.05
N ARG C 86 23.63 -20.48 5.79
CA ARG C 86 23.55 -21.91 6.06
C ARG C 86 22.92 -22.72 4.94
N VAL C 87 23.33 -23.99 4.78
CA VAL C 87 22.62 -24.91 3.92
C VAL C 87 21.56 -25.61 4.75
N LEU C 88 20.36 -25.72 4.20
CA LEU C 88 19.22 -26.37 4.87
C LEU C 88 18.95 -27.72 4.26
N THR C 89 18.83 -28.74 5.11
CA THR C 89 18.51 -30.08 4.65
C THR C 89 17.16 -30.52 5.20
N THR C 90 16.53 -31.42 4.48
CA THR C 90 15.30 -32.02 4.96
C THR C 90 15.28 -33.43 4.46
N ASP C 91 15.01 -34.37 5.36
CA ASP C 91 14.82 -35.75 4.93
C ASP C 91 16.19 -36.22 4.45
N GLY C 92 17.22 -35.71 5.12
CA GLY C 92 18.60 -35.98 4.73
C GLY C 92 19.07 -35.56 3.34
N VAL C 93 18.36 -34.66 2.64
CA VAL C 93 18.92 -34.09 1.40
C VAL C 93 18.97 -32.56 1.48
N ARG C 94 19.84 -31.94 0.69
CA ARG C 94 19.96 -30.47 0.64
CA ARG C 94 19.94 -30.48 0.68
C ARG C 94 18.76 -29.89 -0.08
N VAL C 95 18.11 -28.87 0.49
CA VAL C 95 16.93 -28.28 -0.16
C VAL C 95 16.99 -26.79 -0.33
N GLY C 96 17.83 -26.13 0.46
CA GLY C 96 17.90 -24.69 0.43
C GLY C 96 19.17 -24.08 0.94
N LEU C 97 19.37 -22.82 0.55
CA LEU C 97 20.51 -22.02 0.96
C LEU C 97 19.93 -20.75 1.54
N GLU C 98 20.18 -20.54 2.83
CA GLU C 98 19.59 -19.44 3.59
C GLU C 98 20.66 -18.45 4.03
N THR C 99 20.48 -17.18 3.63
CA THR C 99 21.37 -16.09 3.97
C THR C 99 20.61 -15.01 4.76
N THR C 100 20.92 -14.92 6.05
CA THR C 100 20.22 -14.04 7.01
C THR C 100 21.12 -12.87 7.41
N LYS C 101 20.59 -11.66 7.26
CA LYS C 101 21.33 -10.47 7.58
C LYS C 101 20.69 -9.89 8.82
N LEU C 102 21.51 -9.75 9.86
CA LEU C 102 21.02 -9.24 11.17
C LEU C 102 21.69 -7.96 11.58
N PRO C 103 20.91 -7.03 12.17
CA PRO C 103 21.57 -5.84 12.73
C PRO C 103 22.39 -6.32 13.92
N ALA C 104 23.71 -6.27 13.79
CA ALA C 104 24.62 -6.86 14.78
C ALA C 104 24.32 -6.35 16.20
N GLN C 105 24.04 -5.05 16.32
CA GLN C 105 23.80 -4.46 17.65
C GLN C 105 22.63 -5.06 18.44
N ARG C 106 21.63 -5.56 17.73
CA ARG C 106 20.50 -6.18 18.40
C ARG C 106 20.90 -7.52 19.02
N TYR C 107 22.04 -8.10 18.62
CA TYR C 107 22.33 -9.48 19.02
C TYR C 107 23.72 -9.74 19.64
N PRO C 108 24.00 -9.10 20.78
CA PRO C 108 25.25 -9.31 21.51
C PRO C 108 25.61 -10.78 21.69
N GLY C 109 26.83 -11.13 21.29
CA GLY C 109 27.36 -12.47 21.52
C GLY C 109 26.81 -13.58 20.64
N LEU C 110 25.97 -13.23 19.67
CA LEU C 110 25.32 -14.24 18.83
C LEU C 110 26.35 -15.07 18.06
N ARG C 111 27.28 -14.39 17.38
CA ARG C 111 28.28 -15.07 16.57
CA ARG C 111 28.31 -15.03 16.57
C ARG C 111 29.18 -15.96 17.40
N GLU C 112 29.36 -15.60 18.67
CA GLU C 112 30.29 -16.30 19.55
C GLU C 112 29.68 -17.55 20.12
N THR C 113 28.36 -17.52 20.34
CA THR C 113 27.70 -18.49 21.19
C THR C 113 26.58 -19.28 20.49
N PHE C 114 25.98 -18.69 19.46
CA PHE C 114 24.91 -19.38 18.77
C PHE C 114 25.40 -20.69 18.13
N ASP C 115 24.72 -21.79 18.47
CA ASP C 115 24.90 -23.05 17.79
C ASP C 115 24.20 -23.01 16.42
N HIS C 116 24.99 -22.75 15.36
CA HIS C 116 24.44 -22.54 14.00
C HIS C 116 23.62 -23.73 13.55
N GLU C 117 23.73 -24.85 14.25
CA GLU C 117 22.89 -26.00 13.91
C GLU C 117 21.53 -25.95 14.61
N ALA C 118 21.36 -25.00 15.53
CA ALA C 118 20.03 -24.85 16.16
C ALA C 118 19.12 -23.87 15.41
N SER C 119 17.92 -23.64 15.95
CA SER C 119 16.93 -22.78 15.31
C SER C 119 17.32 -21.35 15.62
N LEU C 120 17.58 -20.59 14.57
CA LEU C 120 17.89 -19.18 14.74
C LEU C 120 16.63 -18.49 15.30
N TYR C 121 15.47 -18.87 14.75
CA TYR C 121 14.19 -18.24 15.15
C TYR C 121 13.96 -18.33 16.66
N ALA C 122 14.08 -19.55 17.21
CA ALA C 122 14.03 -19.78 18.67
C ALA C 122 15.05 -18.96 19.46
N GLU C 123 16.29 -18.87 18.99
CA GLU C 123 17.28 -18.06 19.72
C GLU C 123 16.84 -16.60 19.85
N ILE C 124 16.33 -16.04 18.74
CA ILE C 124 15.87 -14.65 18.71
C ILE C 124 14.67 -14.49 19.67
N ARG C 125 13.72 -15.41 19.62
CA ARG C 125 12.59 -15.38 20.57
C ARG C 125 13.08 -15.41 22.03
N SER C 126 14.04 -16.30 22.29
CA SER C 126 14.68 -16.39 23.60
C SER C 126 15.24 -15.05 24.05
N ARG C 127 15.59 -14.18 23.11
CA ARG C 127 16.21 -12.89 23.46
C ARG C 127 15.16 -11.81 23.75
N GLY C 128 13.91 -12.24 23.87
CA GLY C 128 12.81 -11.33 24.18
C GLY C 128 12.25 -10.66 22.94
N ILE C 129 12.40 -11.33 21.79
CA ILE C 129 11.91 -10.81 20.52
C ILE C 129 10.80 -11.70 19.97
N ALA C 130 9.67 -11.09 19.64
CA ALA C 130 8.52 -11.78 19.07
C ALA C 130 8.35 -11.49 17.58
N PHE C 131 8.26 -12.56 16.79
CA PHE C 131 8.02 -12.46 15.35
C PHE C 131 6.58 -12.06 15.14
N THR C 132 6.38 -10.77 14.90
CA THR C 132 5.04 -10.18 14.95
C THR C 132 4.47 -10.04 13.55
N ARG C 133 5.31 -9.60 12.61
CA ARG C 133 4.89 -9.46 11.22
C ARG C 133 6.04 -9.88 10.29
N THR C 134 5.70 -10.55 9.18
CA THR C 134 6.70 -10.94 8.16
C THR C 134 6.24 -10.50 6.78
N VAL C 135 7.12 -9.89 6.01
CA VAL C 135 6.80 -9.56 4.65
C VAL C 135 7.73 -10.41 3.76
N ASP C 136 7.13 -11.23 2.91
CA ASP C 136 7.81 -12.22 2.07
C ASP C 136 7.59 -11.86 0.62
N THR C 137 8.67 -11.83 -0.19
CA THR C 137 8.51 -11.84 -1.64
C THR C 137 8.92 -13.20 -2.20
N ILE C 138 8.15 -13.72 -3.14
CA ILE C 138 8.42 -15.02 -3.75
C ILE C 138 8.79 -14.80 -5.19
N ASP C 139 10.03 -15.14 -5.50
CA ASP C 139 10.51 -15.11 -6.85
C ASP C 139 10.95 -16.51 -7.31
N THR C 140 11.20 -16.61 -8.60
CA THR C 140 11.79 -17.81 -9.17
C THR C 140 13.04 -17.39 -9.96
N ALA C 141 14.14 -18.11 -9.80
CA ALA C 141 15.41 -17.72 -10.46
C ALA C 141 16.34 -18.91 -10.68
N LEU C 142 17.33 -18.75 -11.54
CA LEU C 142 18.36 -19.79 -11.66
C LEU C 142 19.45 -19.50 -10.62
N PRO C 143 19.99 -20.55 -10.00
CA PRO C 143 21.06 -20.29 -9.03
C PRO C 143 22.35 -19.86 -9.73
N ASP C 144 23.21 -19.12 -9.02
CA ASP C 144 24.54 -18.88 -9.61
C ASP C 144 25.37 -20.14 -9.34
N ALA C 145 26.57 -20.22 -9.88
CA ALA C 145 27.33 -21.47 -9.79
C ALA C 145 27.64 -21.84 -8.34
N ARG C 146 27.92 -20.84 -7.50
CA ARG C 146 28.23 -21.09 -6.08
C ARG C 146 27.03 -21.72 -5.32
N GLU C 147 25.86 -21.09 -5.48
CA GLU C 147 24.60 -21.59 -4.90
C GLU C 147 24.31 -22.98 -5.39
N ALA C 148 24.44 -23.17 -6.70
CA ALA C 148 24.19 -24.52 -7.25
C ALA C 148 25.14 -25.58 -6.69
N ALA C 149 26.42 -25.24 -6.54
CA ALA C 149 27.40 -26.18 -5.94
C ALA C 149 27.06 -26.52 -4.47
N LEU C 150 26.60 -25.53 -3.71
CA LEU C 150 26.27 -25.74 -2.29
C LEU C 150 25.06 -26.63 -2.13
N LEU C 151 24.13 -26.54 -3.10
CA LEU C 151 22.89 -27.29 -3.07
C LEU C 151 22.94 -28.60 -3.83
N GLY C 152 24.03 -28.87 -4.55
CA GLY C 152 24.08 -30.12 -5.36
C GLY C 152 23.11 -30.11 -6.54
N ALA C 153 22.89 -28.93 -7.08
CA ALA C 153 21.87 -28.72 -8.10
C ALA C 153 22.50 -28.38 -9.44
N ASP C 154 21.82 -28.82 -10.47
CA ASP C 154 22.09 -28.33 -11.81
C ASP C 154 21.70 -26.84 -11.91
N ALA C 155 22.61 -26.00 -12.40
CA ALA C 155 22.41 -24.55 -12.51
C ALA C 155 21.32 -24.15 -13.52
N ARG C 156 20.91 -25.10 -14.37
CA ARG C 156 19.78 -24.86 -15.27
C ARG C 156 18.45 -24.93 -14.57
N THR C 157 18.44 -25.44 -13.36
CA THR C 157 17.17 -25.75 -12.71
C THR C 157 16.58 -24.55 -11.93
N PRO C 158 15.27 -24.25 -12.14
CA PRO C 158 14.78 -23.09 -11.41
C PRO C 158 14.64 -23.36 -9.93
N MET C 159 14.89 -22.32 -9.17
CA MET C 159 14.80 -22.37 -7.71
C MET C 159 13.76 -21.35 -7.22
N PHE C 160 13.15 -21.58 -6.05
CA PHE C 160 12.40 -20.51 -5.40
C PHE C 160 13.41 -19.59 -4.76
N LEU C 161 13.21 -18.29 -4.95
CA LEU C 161 13.96 -17.29 -4.22
C LEU C 161 12.95 -16.48 -3.37
N LEU C 162 13.02 -16.72 -2.06
CA LEU C 162 12.19 -16.04 -1.08
C LEU C 162 13.05 -15.00 -0.40
N ASN C 163 12.49 -13.80 -0.22
CA ASN C 163 13.12 -12.77 0.59
C ASN C 163 12.17 -12.29 1.66
N ARG C 164 12.64 -12.29 2.90
CA ARG C 164 11.81 -11.93 4.03
C ARG C 164 12.38 -10.77 4.86
N VAL C 165 11.51 -9.86 5.30
CA VAL C 165 11.86 -8.96 6.40
C VAL C 165 10.87 -9.26 7.49
N SER C 166 11.37 -9.54 8.70
CA SER C 166 10.48 -9.82 9.84
C SER C 166 10.54 -8.68 10.83
N TYR C 167 9.42 -8.45 11.53
CA TYR C 167 9.30 -7.32 12.47
C TYR C 167 8.85 -7.81 13.84
N ASP C 168 9.38 -7.16 14.89
CA ASP C 168 9.08 -7.55 16.28
C ASP C 168 7.84 -6.85 16.85
N GLN C 169 7.62 -7.01 18.16
CA GLN C 169 6.37 -6.53 18.74
C GLN C 169 6.30 -4.99 18.71
N ASP C 170 7.44 -4.34 18.56
CA ASP C 170 7.45 -2.89 18.39
C ASP C 170 7.65 -2.48 16.95
N ASP C 171 7.54 -3.44 16.03
CA ASP C 171 7.69 -3.14 14.62
C ASP C 171 9.14 -2.70 14.24
N VAL C 172 10.11 -3.16 15.03
CA VAL C 172 11.52 -2.97 14.67
C VAL C 172 11.93 -4.22 13.88
N ALA C 173 12.64 -4.02 12.77
CA ALA C 173 13.05 -5.17 11.95
C ALA C 173 14.02 -6.06 12.72
N ILE C 174 13.75 -7.36 12.62
CA ILE C 174 14.52 -8.43 13.25
C ILE C 174 15.71 -8.89 12.37
N GLU C 175 15.47 -8.96 11.06
CA GLU C 175 16.33 -9.70 10.10
C GLU C 175 15.83 -9.42 8.68
N GLN C 176 16.73 -9.61 7.72
CA GLN C 176 16.35 -9.71 6.33
C GLN C 176 16.89 -11.09 5.97
N ARG C 177 16.02 -11.98 5.47
CA ARG C 177 16.39 -13.35 5.18
C ARG C 177 16.12 -13.70 3.71
N ARG C 178 17.16 -14.21 3.04
CA ARG C 178 17.04 -14.73 1.67
C ARG C 178 17.09 -16.28 1.72
N SER C 179 16.09 -16.94 1.15
CA SER C 179 16.08 -18.41 1.09
C SER C 179 15.98 -18.85 -0.35
N LEU C 180 16.96 -19.62 -0.81
CA LEU C 180 16.99 -20.14 -2.17
C LEU C 180 16.68 -21.62 -2.03
N TYR C 181 15.56 -22.04 -2.58
CA TYR C 181 15.13 -23.44 -2.43
C TYR C 181 15.09 -24.16 -3.76
N ARG C 182 15.53 -25.42 -3.75
CA ARG C 182 15.57 -26.21 -4.96
C ARG C 182 14.17 -26.46 -5.48
N GLY C 183 13.92 -26.03 -6.70
CA GLY C 183 12.62 -26.20 -7.31
C GLY C 183 12.18 -27.65 -7.34
N ASP C 184 13.12 -28.59 -7.48
CA ASP C 184 12.74 -30.00 -7.58
C ASP C 184 12.52 -30.68 -6.22
N ARG C 185 12.78 -29.99 -5.12
CA ARG C 185 12.63 -30.62 -3.81
C ARG C 185 11.61 -29.93 -2.91
N MET C 186 11.01 -28.86 -3.42
CA MET C 186 10.10 -27.99 -2.66
C MET C 186 8.85 -27.64 -3.46
N THR C 187 7.68 -27.72 -2.83
CA THR C 187 6.40 -27.19 -3.36
C THR C 187 5.81 -26.38 -2.21
N PHE C 188 5.46 -25.13 -2.45
CA PHE C 188 4.74 -24.37 -1.43
C PHE C 188 3.27 -24.46 -1.69
N THR C 189 2.50 -24.35 -0.62
CA THR C 189 1.04 -24.49 -0.73
C THR C 189 0.34 -23.45 0.08
N ALA C 190 -0.89 -23.14 -0.33
CA ALA C 190 -1.71 -22.18 0.38
C ALA C 190 -3.18 -22.60 0.27
N VAL C 191 -3.87 -22.64 1.40
CA VAL C 191 -5.30 -22.79 1.40
C VAL C 191 -5.90 -21.48 1.85
N MET C 192 -6.87 -20.98 1.08
CA MET C 192 -7.49 -19.71 1.44
C MET C 192 -8.99 -19.84 1.49
N HIS C 193 -9.61 -19.08 2.38
CA HIS C 193 -11.07 -19.18 2.64
C HIS C 193 -11.62 -17.79 2.51
N ALA C 194 -12.80 -17.67 1.88
CA ALA C 194 -13.41 -16.38 1.67
C ALA C 194 -13.97 -15.90 3.01
N ILE D 33 -6.83 28.67 -6.48
CA ILE D 33 -8.13 28.27 -5.82
C ILE D 33 -7.96 27.86 -4.34
N ARG D 34 -8.80 28.41 -3.45
CA ARG D 34 -8.84 27.96 -2.05
C ARG D 34 -10.10 27.16 -1.77
N GLN D 35 -9.93 25.91 -1.36
CA GLN D 35 -11.06 25.02 -1.09
C GLN D 35 -11.11 24.56 0.37
N PRO D 36 -12.19 24.89 1.10
CA PRO D 36 -12.28 24.35 2.45
C PRO D 36 -12.47 22.85 2.40
N LEU D 37 -11.90 22.16 3.37
CA LEU D 37 -12.13 20.72 3.50
C LEU D 37 -13.59 20.52 3.89
N GLY D 38 -14.25 19.56 3.25
CA GLY D 38 -15.67 19.41 3.54
C GLY D 38 -16.19 18.07 3.02
N MET D 39 -17.42 17.76 3.39
CA MET D 39 -18.04 16.50 2.92
C MET D 39 -18.58 16.52 1.51
N GLY D 40 -18.94 17.69 1.00
CA GLY D 40 -19.54 17.79 -0.36
C GLY D 40 -18.42 17.59 -1.37
N SER D 41 -18.72 17.32 -2.63
CA SER D 41 -17.63 17.08 -3.59
C SER D 41 -16.89 18.41 -3.87
N TYR D 42 -15.67 18.34 -4.35
CA TYR D 42 -15.05 19.66 -4.53
C TYR D 42 -15.52 20.38 -5.77
N THR D 43 -15.97 19.66 -6.80
CA THR D 43 -16.66 20.34 -7.90
C THR D 43 -17.86 21.13 -7.42
N GLU D 44 -18.69 20.53 -6.57
CA GLU D 44 -19.81 21.33 -6.07
C GLU D 44 -19.33 22.42 -5.10
N ALA D 45 -18.29 22.15 -4.31
CA ALA D 45 -17.71 23.22 -3.48
C ALA D 45 -17.34 24.39 -4.39
N ALA D 46 -16.63 24.10 -5.46
CA ALA D 46 -16.21 25.17 -6.38
C ALA D 46 -17.37 25.96 -6.92
N LYS D 47 -18.39 25.27 -7.44
CA LYS D 47 -19.55 26.00 -7.96
C LYS D 47 -20.18 26.91 -6.88
N ALA D 48 -20.15 26.47 -5.63
CA ALA D 48 -20.77 27.21 -4.53
C ALA D 48 -20.01 28.50 -4.17
N GLN D 49 -18.75 28.59 -4.57
CA GLN D 49 -17.94 29.80 -4.42
C GLN D 49 -18.20 30.78 -5.56
N GLY D 50 -19.00 30.35 -6.53
CA GLY D 50 -19.29 31.16 -7.70
C GLY D 50 -18.34 30.87 -8.86
N LEU D 51 -17.52 29.83 -8.74
CA LEU D 51 -16.57 29.49 -9.79
C LEU D 51 -17.19 28.59 -10.87
N SER D 52 -16.72 28.72 -12.11
CA SER D 52 -17.09 27.74 -13.12
C SER D 52 -16.29 26.50 -12.76
N ALA D 53 -16.91 25.34 -12.82
CA ALA D 53 -16.22 24.10 -12.51
C ALA D 53 -16.95 23.00 -13.23
N GLY D 54 -16.22 21.99 -13.66
CA GLY D 54 -16.85 20.91 -14.40
C GLY D 54 -16.09 19.63 -14.35
N ARG D 55 -16.69 18.58 -14.91
CA ARG D 55 -16.07 17.27 -14.98
C ARG D 55 -16.00 16.81 -16.44
N ILE D 56 -14.82 16.30 -16.81
CA ILE D 56 -14.57 15.72 -18.15
C ILE D 56 -14.31 14.20 -18.06
N LEU D 57 -15.10 13.42 -18.80
CA LEU D 57 -14.94 11.98 -18.75
C LEU D 57 -13.59 11.56 -19.27
N VAL D 58 -12.93 10.68 -18.53
CA VAL D 58 -11.76 9.99 -19.02
C VAL D 58 -12.28 8.63 -19.44
N ALA D 59 -12.86 7.87 -18.52
CA ALA D 59 -13.45 6.60 -18.89
C ALA D 59 -14.19 6.01 -17.72
N TRP D 60 -15.21 5.22 -18.04
CA TRP D 60 -15.78 4.22 -17.15
C TRP D 60 -14.97 2.94 -17.29
N SER D 61 -14.82 2.18 -16.20
CA SER D 61 -14.17 0.87 -16.28
C SER D 61 -14.93 -0.06 -15.38
N ASP D 62 -15.07 -1.32 -15.82
CA ASP D 62 -15.63 -2.36 -14.97
C ASP D 62 -14.53 -3.08 -14.23
N LEU D 63 -14.48 -2.97 -12.91
CA LEU D 63 -13.45 -3.65 -12.16
C LEU D 63 -14.13 -4.68 -11.29
N THR D 64 -13.33 -5.44 -10.55
CA THR D 64 -13.87 -6.26 -9.50
C THR D 64 -13.06 -6.02 -8.23
N ALA D 65 -13.68 -6.25 -7.08
CA ALA D 65 -13.01 -6.02 -5.80
C ALA D 65 -11.86 -7.00 -5.61
N ASP D 66 -10.66 -6.45 -5.42
CA ASP D 66 -9.55 -7.27 -4.91
C ASP D 66 -9.67 -7.32 -3.37
N GLU D 67 -8.70 -7.94 -2.71
CA GLU D 67 -8.77 -8.05 -1.25
C GLU D 67 -8.91 -6.68 -0.57
N VAL D 68 -8.11 -5.74 -1.01
CA VAL D 68 -8.08 -4.42 -0.40
C VAL D 68 -9.40 -3.71 -0.59
N LEU D 69 -9.85 -3.64 -1.84
CA LEU D 69 -11.09 -3.00 -2.14
C LEU D 69 -12.29 -3.67 -1.45
N ALA D 70 -12.25 -4.99 -1.30
CA ALA D 70 -13.36 -5.70 -0.65
C ALA D 70 -13.47 -5.27 0.82
N GLY D 71 -12.31 -5.11 1.44
CA GLY D 71 -12.22 -4.68 2.85
C GLY D 71 -12.66 -3.24 3.00
N VAL D 72 -12.23 -2.37 2.11
CA VAL D 72 -12.60 -0.97 2.20
C VAL D 72 -14.11 -0.76 1.94
N LEU D 73 -14.60 -1.39 0.89
CA LEU D 73 -16.02 -1.23 0.54
C LEU D 73 -16.95 -2.16 1.31
N GLY D 74 -16.41 -3.16 2.01
CA GLY D 74 -17.30 -4.09 2.72
C GLY D 74 -18.12 -4.94 1.74
N VAL D 75 -17.50 -5.35 0.62
CA VAL D 75 -18.13 -6.26 -0.36
C VAL D 75 -17.23 -7.51 -0.54
N ASP D 76 -17.74 -8.53 -1.24
CA ASP D 76 -16.97 -9.79 -1.47
C ASP D 76 -15.79 -9.53 -2.41
N VAL D 77 -14.67 -10.21 -2.22
CA VAL D 77 -13.67 -10.29 -3.30
C VAL D 77 -14.39 -10.77 -4.58
N GLY D 78 -14.18 -10.08 -5.69
CA GLY D 78 -14.82 -10.47 -6.94
C GLY D 78 -16.08 -9.65 -7.21
N ALA D 79 -16.61 -8.98 -6.18
CA ALA D 79 -17.82 -8.16 -6.41
C ALA D 79 -17.52 -7.07 -7.43
N PRO D 80 -18.53 -6.68 -8.21
CA PRO D 80 -18.28 -5.73 -9.24
C PRO D 80 -18.05 -4.33 -8.67
N VAL D 81 -17.08 -3.64 -9.27
CA VAL D 81 -16.78 -2.27 -8.87
C VAL D 81 -16.85 -1.46 -10.14
N LEU D 82 -17.69 -0.43 -10.16
CA LEU D 82 -17.77 0.43 -11.30
C LEU D 82 -16.84 1.59 -11.05
N GLN D 83 -15.91 1.82 -11.97
CA GLN D 83 -14.99 2.95 -11.80
C GLN D 83 -15.31 4.09 -12.78
N LEU D 84 -15.41 5.30 -12.27
CA LEU D 84 -15.62 6.49 -13.08
C LEU D 84 -14.40 7.36 -12.85
N GLU D 85 -13.64 7.61 -13.92
CA GLU D 85 -12.51 8.53 -13.89
C GLU D 85 -12.80 9.75 -14.72
N ARG D 86 -12.56 10.91 -14.13
CA ARG D 86 -12.84 12.18 -14.76
C ARG D 86 -11.75 13.18 -14.42
N VAL D 87 -11.61 14.13 -15.32
CA VAL D 87 -10.75 15.27 -15.09
C VAL D 87 -11.63 16.38 -14.59
N LEU D 88 -11.15 17.04 -13.55
CA LEU D 88 -11.89 18.08 -12.91
C LEU D 88 -11.31 19.39 -13.34
N THR D 89 -12.18 20.32 -13.73
CA THR D 89 -11.72 21.65 -14.12
C THR D 89 -12.30 22.69 -13.20
N THR D 90 -11.58 23.79 -13.07
CA THR D 90 -12.11 24.95 -12.38
C THR D 90 -11.63 26.20 -13.09
N ASP D 91 -12.56 27.12 -13.32
CA ASP D 91 -12.28 28.34 -14.07
C ASP D 91 -11.58 28.01 -15.38
N GLY D 92 -12.14 27.06 -16.10
CA GLY D 92 -11.60 26.66 -17.39
C GLY D 92 -10.17 26.12 -17.39
N VAL D 93 -9.59 25.80 -16.24
CA VAL D 93 -8.32 25.08 -16.26
C VAL D 93 -8.43 23.73 -15.57
N ARG D 94 -7.59 22.79 -15.98
CA ARG D 94 -7.55 21.46 -15.40
C ARG D 94 -6.90 21.50 -14.02
N VAL D 95 -7.67 21.15 -12.99
CA VAL D 95 -7.12 21.16 -11.65
C VAL D 95 -6.84 19.77 -11.04
N GLY D 96 -7.54 18.73 -11.49
CA GLY D 96 -7.43 17.45 -10.77
C GLY D 96 -7.89 16.25 -11.56
N LEU D 97 -7.42 15.07 -11.18
CA LEU D 97 -7.87 13.81 -11.77
C LEU D 97 -8.61 13.05 -10.67
N GLU D 98 -9.89 12.73 -10.91
CA GLU D 98 -10.68 12.08 -9.87
C GLU D 98 -11.05 10.67 -10.36
N THR D 99 -10.75 9.67 -9.54
CA THR D 99 -11.03 8.25 -9.84
C THR D 99 -11.91 7.69 -8.73
N THR D 100 -13.20 7.50 -9.05
CA THR D 100 -14.17 7.00 -8.09
C THR D 100 -14.50 5.54 -8.33
N LYS D 101 -14.35 4.74 -7.29
CA LYS D 101 -14.64 3.34 -7.36
C LYS D 101 -15.92 3.13 -6.57
N LEU D 102 -16.96 2.63 -7.26
CA LEU D 102 -18.26 2.37 -6.62
C LEU D 102 -18.58 0.87 -6.48
N PRO D 103 -19.16 0.45 -5.36
CA PRO D 103 -19.68 -0.91 -5.27
C PRO D 103 -20.88 -0.96 -6.19
N ALA D 104 -20.68 -1.49 -7.39
CA ALA D 104 -21.72 -1.43 -8.45
C ALA D 104 -23.10 -1.95 -8.04
N GLN D 105 -23.15 -2.95 -7.18
CA GLN D 105 -24.46 -3.51 -6.84
C GLN D 105 -25.36 -2.53 -6.12
N ARG D 106 -24.77 -1.49 -5.53
CA ARG D 106 -25.57 -0.43 -4.88
C ARG D 106 -26.25 0.47 -5.88
N TYR D 107 -25.81 0.49 -7.12
CA TYR D 107 -26.19 1.56 -8.02
C TYR D 107 -26.78 1.03 -9.35
N PRO D 108 -27.81 0.18 -9.25
CA PRO D 108 -28.35 -0.42 -10.49
C PRO D 108 -28.72 0.64 -11.51
N GLY D 109 -28.23 0.44 -12.73
CA GLY D 109 -28.50 1.30 -13.89
C GLY D 109 -27.59 2.51 -14.05
N LEU D 110 -26.68 2.71 -13.10
CA LEU D 110 -25.91 3.94 -13.09
C LEU D 110 -25.04 4.10 -14.34
N ARG D 111 -24.29 3.07 -14.73
CA ARG D 111 -23.46 3.15 -15.93
CA ARG D 111 -23.45 3.20 -15.92
C ARG D 111 -24.28 3.64 -17.12
N GLU D 112 -25.49 3.10 -17.24
CA GLU D 112 -26.33 3.35 -18.40
C GLU D 112 -26.97 4.72 -18.40
N THR D 113 -27.41 5.19 -17.24
CA THR D 113 -28.17 6.42 -17.20
C THR D 113 -27.48 7.67 -16.68
N PHE D 114 -26.41 7.55 -15.91
CA PHE D 114 -25.79 8.75 -15.29
C PHE D 114 -25.09 9.66 -16.31
N ASP D 115 -25.39 10.95 -16.28
CA ASP D 115 -24.63 11.93 -17.05
C ASP D 115 -23.30 12.22 -16.28
N HIS D 116 -22.17 11.79 -16.82
CA HIS D 116 -20.85 11.96 -16.17
C HIS D 116 -20.41 13.42 -15.99
N GLU D 117 -21.10 14.35 -16.65
CA GLU D 117 -20.81 15.76 -16.49
C GLU D 117 -21.55 16.34 -15.28
N ALA D 118 -22.48 15.56 -14.72
CA ALA D 118 -23.31 16.01 -13.58
C ALA D 118 -22.67 15.56 -12.25
N SER D 119 -23.34 15.83 -11.12
CA SER D 119 -22.80 15.52 -9.82
C SER D 119 -23.09 14.06 -9.52
N LEU D 120 -22.04 13.27 -9.35
CA LEU D 120 -22.19 11.87 -8.90
C LEU D 120 -22.73 11.85 -7.44
N TYR D 121 -22.23 12.75 -6.60
CA TYR D 121 -22.72 12.79 -5.20
C TYR D 121 -24.24 13.01 -5.19
N ALA D 122 -24.74 13.89 -6.04
CA ALA D 122 -26.19 14.18 -6.07
C ALA D 122 -27.01 12.96 -6.55
N GLU D 123 -26.49 12.22 -7.51
CA GLU D 123 -27.14 11.00 -8.02
C GLU D 123 -27.25 9.96 -6.91
N ILE D 124 -26.16 9.79 -6.15
CA ILE D 124 -26.14 8.88 -5.03
C ILE D 124 -27.14 9.31 -3.94
N ARG D 125 -27.15 10.61 -3.64
CA ARG D 125 -28.12 11.09 -2.62
C ARG D 125 -29.54 10.86 -3.12
N SER D 126 -29.77 11.07 -4.41
CA SER D 126 -31.14 10.89 -4.97
C SER D 126 -31.67 9.46 -4.75
N ARG D 127 -30.76 8.49 -4.65
CA ARG D 127 -31.09 7.05 -4.48
C ARG D 127 -31.30 6.75 -3.03
N GLY D 128 -31.19 7.77 -2.17
CA GLY D 128 -31.55 7.62 -0.78
C GLY D 128 -30.36 7.31 0.09
N ILE D 129 -29.16 7.49 -0.46
CA ILE D 129 -27.96 7.19 0.29
C ILE D 129 -27.36 8.51 0.76
N ALA D 130 -27.34 8.73 2.07
CA ALA D 130 -26.86 9.98 2.63
C ALA D 130 -25.41 9.90 3.01
N PHE D 131 -24.64 10.94 2.67
CA PHE D 131 -23.21 10.98 3.02
C PHE D 131 -23.09 11.29 4.50
N THR D 132 -22.84 10.28 5.33
CA THR D 132 -23.00 10.44 6.76
C THR D 132 -21.66 10.69 7.51
N ARG D 133 -20.60 10.02 7.05
CA ARG D 133 -19.26 10.14 7.64
C ARG D 133 -18.31 9.97 6.45
N THR D 134 -17.26 10.79 6.42
CA THR D 134 -16.20 10.66 5.41
C THR D 134 -14.86 10.54 6.11
N VAL D 135 -13.96 9.73 5.53
CA VAL D 135 -12.62 9.53 6.07
C VAL D 135 -11.68 9.88 4.94
N ASP D 136 -10.94 10.98 5.11
CA ASP D 136 -10.09 11.50 4.06
C ASP D 136 -8.66 11.29 4.50
N THR D 137 -7.84 10.72 3.63
CA THR D 137 -6.39 10.69 3.91
C THR D 137 -5.77 11.68 2.91
N ILE D 138 -4.82 12.50 3.40
CA ILE D 138 -4.21 13.53 2.56
C ILE D 138 -2.71 13.28 2.45
N ASP D 139 -2.28 13.06 1.21
CA ASP D 139 -0.92 12.74 0.94
C ASP D 139 -0.41 13.74 -0.09
N THR D 140 0.89 13.74 -0.27
CA THR D 140 1.52 14.52 -1.29
C THR D 140 2.15 13.52 -2.26
N ALA D 141 2.23 13.84 -3.54
CA ALA D 141 2.78 12.88 -4.51
C ALA D 141 3.26 13.55 -5.79
N LEU D 142 4.04 12.82 -6.54
CA LEU D 142 4.40 13.25 -7.88
C LEU D 142 3.56 12.44 -8.84
N PRO D 143 3.14 13.04 -9.95
CA PRO D 143 2.27 12.33 -10.90
C PRO D 143 3.05 11.31 -11.72
N ASP D 144 2.37 10.27 -12.19
CA ASP D 144 3.03 9.38 -13.15
C ASP D 144 2.80 9.97 -14.53
N ALA D 145 3.36 9.34 -15.56
CA ALA D 145 3.32 9.90 -16.89
C ALA D 145 1.88 10.16 -17.35
N ARG D 146 1.02 9.15 -17.19
CA ARG D 146 -0.39 9.25 -17.60
C ARG D 146 -1.09 10.41 -16.90
N GLU D 147 -0.97 10.45 -15.58
CA GLU D 147 -1.59 11.50 -14.79
C GLU D 147 -1.07 12.89 -15.21
N ALA D 148 0.25 13.01 -15.39
CA ALA D 148 0.82 14.31 -15.78
C ALA D 148 0.26 14.81 -17.14
N ALA D 149 0.17 13.91 -18.11
CA ALA D 149 -0.43 14.24 -19.41
C ALA D 149 -1.90 14.66 -19.25
N LEU D 150 -2.68 13.85 -18.54
CA LEU D 150 -4.07 14.22 -18.25
C LEU D 150 -4.30 15.59 -17.64
N LEU D 151 -3.40 15.99 -16.75
CA LEU D 151 -3.54 17.30 -16.11
C LEU D 151 -2.68 18.43 -16.70
N GLY D 152 -1.90 18.10 -17.74
CA GLY D 152 -1.01 19.08 -18.36
C GLY D 152 0.06 19.53 -17.37
N ALA D 153 0.57 18.56 -16.61
CA ALA D 153 1.44 18.91 -15.52
C ALA D 153 2.86 18.43 -15.70
N ASP D 154 3.75 19.16 -15.05
CA ASP D 154 5.13 18.82 -15.05
C ASP D 154 5.35 17.67 -14.06
N ALA D 155 6.07 16.64 -14.50
CA ALA D 155 6.32 15.47 -13.70
C ALA D 155 7.06 15.74 -12.38
N ARG D 156 7.62 16.95 -12.23
CA ARG D 156 8.35 17.31 -11.02
C ARG D 156 7.52 18.08 -9.97
N THR D 157 6.37 18.64 -10.38
CA THR D 157 5.56 19.45 -9.46
C THR D 157 4.75 18.59 -8.50
N PRO D 158 4.80 18.92 -7.21
CA PRO D 158 4.05 18.11 -6.24
C PRO D 158 2.53 18.21 -6.42
N MET D 159 1.83 17.12 -6.08
CA MET D 159 0.39 17.14 -6.20
C MET D 159 -0.21 16.74 -4.85
N PHE D 160 -1.44 17.17 -4.58
CA PHE D 160 -2.15 16.62 -3.43
C PHE D 160 -2.75 15.31 -3.87
N LEU D 161 -2.60 14.29 -3.03
CA LEU D 161 -3.25 13.00 -3.27
C LEU D 161 -4.23 12.72 -2.15
N LEU D 162 -5.53 12.88 -2.44
CA LEU D 162 -6.56 12.69 -1.43
C LEU D 162 -7.23 11.35 -1.69
N ASN D 163 -7.40 10.57 -0.64
CA ASN D 163 -8.19 9.36 -0.79
C ASN D 163 -9.34 9.38 0.21
N ARG D 164 -10.56 9.09 -0.24
CA ARG D 164 -11.72 9.19 0.63
C ARG D 164 -12.50 7.89 0.61
N VAL D 165 -12.95 7.45 1.78
CA VAL D 165 -14.05 6.49 1.82
C VAL D 165 -15.24 7.23 2.46
N SER D 166 -16.40 7.24 1.79
CA SER D 166 -17.63 7.75 2.43
C SER D 166 -18.55 6.65 2.87
N TYR D 167 -19.26 6.89 3.98
CA TYR D 167 -20.18 5.92 4.58
C TYR D 167 -21.55 6.50 4.74
N ASP D 168 -22.56 5.64 4.57
CA ASP D 168 -23.94 6.09 4.54
C ASP D 168 -24.60 6.05 5.93
N GLN D 169 -25.91 6.26 6.01
CA GLN D 169 -26.60 6.36 7.31
C GLN D 169 -26.54 5.06 8.13
N ASP D 170 -26.21 3.95 7.51
CA ASP D 170 -26.08 2.66 8.19
C ASP D 170 -24.61 2.25 8.30
N ASP D 171 -23.72 3.18 8.03
CA ASP D 171 -22.28 2.91 7.99
C ASP D 171 -21.78 1.91 6.91
N VAL D 172 -22.53 1.81 5.81
CA VAL D 172 -22.12 1.02 4.63
C VAL D 172 -21.40 1.93 3.66
N ALA D 173 -20.23 1.50 3.16
CA ALA D 173 -19.42 2.31 2.25
C ALA D 173 -20.20 2.67 1.01
N ILE D 174 -20.03 3.94 0.62
CA ILE D 174 -20.64 4.48 -0.58
C ILE D 174 -19.70 4.42 -1.81
N GLU D 175 -18.40 4.68 -1.62
CA GLU D 175 -17.46 4.85 -2.73
C GLU D 175 -16.06 4.86 -2.05
N GLN D 176 -15.03 4.60 -2.81
CA GLN D 176 -13.66 5.02 -2.44
C GLN D 176 -13.25 6.01 -3.58
N ARG D 177 -12.81 7.21 -3.23
CA ARG D 177 -12.48 8.18 -4.27
CA ARG D 177 -12.51 8.23 -4.25
C ARG D 177 -11.06 8.70 -4.10
N ARG D 178 -10.29 8.59 -5.18
CA ARG D 178 -8.92 9.05 -5.25
C ARG D 178 -8.91 10.34 -6.09
N SER D 179 -8.38 11.42 -5.50
CA SER D 179 -8.42 12.70 -6.18
C SER D 179 -7.00 13.25 -6.17
N LEU D 180 -6.45 13.46 -7.37
CA LEU D 180 -5.07 13.93 -7.52
C LEU D 180 -5.15 15.36 -8.03
N TYR D 181 -4.67 16.32 -7.24
CA TYR D 181 -4.78 17.75 -7.61
C TYR D 181 -3.42 18.36 -7.84
N ARG D 182 -3.36 19.24 -8.82
CA ARG D 182 -2.16 19.97 -9.15
C ARG D 182 -1.88 20.90 -7.99
N GLY D 183 -0.69 20.75 -7.40
CA GLY D 183 -0.29 21.54 -6.23
C GLY D 183 -0.22 23.04 -6.48
N ASP D 184 0.06 23.39 -7.73
CA ASP D 184 0.14 24.78 -8.16
C ASP D 184 -1.20 25.45 -8.46
N ARG D 185 -2.30 24.70 -8.39
CA ARG D 185 -3.61 25.31 -8.66
C ARG D 185 -4.62 25.11 -7.52
N MET D 186 -4.19 24.41 -6.47
CA MET D 186 -5.08 24.05 -5.36
C MET D 186 -4.48 24.40 -3.98
N THR D 187 -5.28 24.97 -3.09
CA THR D 187 -4.90 25.10 -1.68
C THR D 187 -6.12 24.69 -0.89
N PHE D 188 -5.96 23.78 0.06
CA PHE D 188 -7.08 23.44 0.91
C PHE D 188 -7.02 24.24 2.19
N THR D 189 -8.19 24.52 2.75
CA THR D 189 -8.28 25.25 4.01
C THR D 189 -9.08 24.52 5.07
N ALA D 190 -8.76 24.80 6.32
CA ALA D 190 -9.57 24.32 7.43
C ALA D 190 -9.66 25.39 8.50
N VAL D 191 -10.89 25.72 8.89
CA VAL D 191 -11.14 26.56 10.05
C VAL D 191 -11.66 25.65 11.17
N MET D 192 -11.00 25.69 12.32
CA MET D 192 -11.47 24.91 13.46
C MET D 192 -11.76 25.77 14.68
N HIS D 193 -12.77 25.38 15.46
CA HIS D 193 -13.20 26.14 16.64
C HIS D 193 -13.16 25.26 17.86
N ALA D 194 -12.63 25.77 18.96
CA ALA D 194 -12.75 25.05 20.22
C ALA D 194 -14.25 25.03 20.52
#